data_6TI8
#
_entry.id   6TI8
#
_cell.length_a   89.154
_cell.length_b   110.532
_cell.length_c   142.218
_cell.angle_alpha   90.000
_cell.angle_beta   90.000
_cell.angle_gamma   90.000
#
_symmetry.space_group_name_H-M   'P 21 21 2'
#
loop_
_entity.id
_entity.type
_entity.pdbx_description
1 polymer 'Interleukin-1 receptor-associated kinase 4'
2 non-polymer ~{N},~{N}-dimethyl-4-(1-methylcyclopropyl)oxy-2-[[1-(1-methylpiperidin-4-yl)pyrazol-4-yl]amino]pyrido[3,2-d]pyrimidine-6-carboxamide
3 water water
#
_entity_poly.entity_id   1
_entity_poly.type   'polypeptide(L)'
_entity_poly.pdbx_seq_one_letter_code
;GENKSLEVSDTRFHSFSFYELKNVTNNFDERPISVGGNKMGEGGFGVVYKGYVNNTTVAVKKLAAMVDITTEELKQQFDQ
EIKVMAKCQHENLVELLGFSSDGDDLCLVYVYMPNGSLLDRLSCLDGTPPLSWHMRCKIAQGAANGINFLHENHHIHRDI
KSANILLDEAFTAKISDFGLARASEKFAQTVM(TPO)(SEP)RIVGTTAYMAPEALRGEITPKSDIYSFGVVLLEIITGL
PAVDEHREPQLLLDIKEEIEDEEKTIEDYIDKKMNDADSTSVEAMYSVASQCLHEKKNKRPDIKKVQQLLQEMTAS
;
_entity_poly.pdbx_strand_id   A,B,C,D
#
loop_
_chem_comp.id
_chem_comp.type
_chem_comp.name
_chem_comp.formula
NBW non-polymer ~{N},~{N}-dimethyl-4-(1-methylcyclopropyl)oxy-2-[[1-(1-methylpiperidin-4-yl)pyrazol-4-yl]amino]pyrido[3,2-d]pyrimidine-6-carboxamide 'C23 H30 N8 O2'
#
# COMPACT_ATOMS: atom_id res chain seq x y z
N PHE A 13 -19.76 -40.17 7.31
CA PHE A 13 -19.77 -38.82 7.88
C PHE A 13 -20.11 -38.82 9.37
N HIS A 14 -19.56 -37.83 10.10
CA HIS A 14 -19.78 -37.69 11.53
C HIS A 14 -21.19 -37.22 11.87
N SER A 15 -21.85 -37.94 12.77
CA SER A 15 -23.18 -37.57 13.22
C SER A 15 -23.04 -36.70 14.47
N PHE A 16 -23.43 -35.42 14.34
CA PHE A 16 -23.38 -34.45 15.43
C PHE A 16 -24.74 -34.37 16.08
N SER A 17 -24.77 -34.18 17.40
CA SER A 17 -26.02 -33.94 18.09
C SER A 17 -26.14 -32.43 17.99
N PHE A 18 -27.37 -31.91 17.80
CA PHE A 18 -27.62 -30.47 17.63
C PHE A 18 -26.91 -29.58 18.68
N TYR A 19 -26.82 -30.04 19.97
CA TYR A 19 -26.15 -29.31 21.06
C TYR A 19 -24.65 -29.06 20.71
N GLU A 20 -23.95 -30.09 20.19
CA GLU A 20 -22.53 -30.01 19.78
C GLU A 20 -22.33 -28.85 18.85
N LEU A 21 -23.21 -28.71 17.84
CA LEU A 21 -23.14 -27.67 16.82
C LEU A 21 -23.56 -26.27 17.27
N LYS A 22 -24.50 -26.16 18.22
CA LYS A 22 -24.97 -24.86 18.72
C LYS A 22 -23.86 -24.17 19.51
N ASN A 23 -23.08 -24.98 20.26
CA ASN A 23 -21.96 -24.54 21.07
C ASN A 23 -20.78 -24.09 20.25
N VAL A 24 -20.53 -24.71 19.09
CA VAL A 24 -19.37 -24.39 18.27
C VAL A 24 -19.63 -23.17 17.40
N THR A 25 -20.90 -22.79 17.24
CA THR A 25 -21.33 -21.65 16.42
C THR A 25 -21.76 -20.42 17.27
N ASN A 26 -21.31 -20.34 18.56
CA ASN A 26 -21.66 -19.30 19.54
C ASN A 26 -23.19 -19.07 19.60
N ASN A 27 -23.91 -20.18 19.86
CA ASN A 27 -25.37 -20.32 19.94
C ASN A 27 -26.03 -19.92 18.61
N PHE A 28 -25.41 -20.34 17.47
CA PHE A 28 -25.83 -20.01 16.10
C PHE A 28 -26.00 -18.49 15.95
N ASP A 29 -24.93 -17.74 16.28
CA ASP A 29 -24.89 -16.28 16.26
C ASP A 29 -25.08 -15.76 14.83
N GLU A 30 -26.26 -15.18 14.57
CA GLU A 30 -26.68 -14.63 13.28
C GLU A 30 -25.98 -13.32 12.89
N ARG A 31 -25.05 -12.84 13.73
CA ARG A 31 -24.25 -11.63 13.50
C ARG A 31 -23.12 -11.97 12.52
N PRO A 32 -22.69 -11.05 11.61
CA PRO A 32 -21.58 -11.38 10.69
C PRO A 32 -20.24 -11.57 11.39
N ILE A 33 -19.36 -12.45 10.84
CA ILE A 33 -18.02 -12.78 11.36
C ILE A 33 -17.11 -11.54 11.42
N SER A 34 -17.50 -10.45 10.72
CA SER A 34 -16.80 -9.17 10.68
C SER A 34 -17.08 -8.36 11.95
N VAL A 35 -18.30 -8.47 12.50
CA VAL A 35 -18.77 -7.79 13.72
C VAL A 35 -18.36 -8.56 15.00
N GLY A 36 -18.28 -9.89 14.89
CA GLY A 36 -17.90 -10.75 16.00
C GLY A 36 -18.76 -12.00 16.13
N GLY A 37 -19.78 -12.09 15.30
CA GLY A 37 -20.69 -13.23 15.24
C GLY A 37 -20.16 -14.39 14.41
N ASN A 38 -21.07 -15.26 13.94
CA ASN A 38 -20.70 -16.45 13.19
C ASN A 38 -21.31 -16.54 11.79
N LYS A 39 -22.15 -15.58 11.36
CA LYS A 39 -22.73 -15.60 10.01
C LYS A 39 -21.69 -15.28 8.91
N MET A 40 -21.58 -16.17 7.90
CA MET A 40 -20.65 -15.97 6.76
C MET A 40 -21.42 -15.61 5.48
N GLY A 41 -22.66 -16.07 5.40
CA GLY A 41 -23.55 -15.84 4.27
C GLY A 41 -24.84 -16.63 4.36
N GLU A 42 -25.57 -16.67 3.25
CA GLU A 42 -26.86 -17.34 3.12
C GLU A 42 -26.93 -18.08 1.81
N GLY A 43 -27.68 -19.19 1.81
CA GLY A 43 -27.90 -20.00 0.63
C GLY A 43 -29.35 -20.09 0.23
N GLY A 44 -29.64 -21.03 -0.65
CA GLY A 44 -30.98 -21.53 -0.74
C GLY A 44 -31.03 -22.38 0.51
N PHE A 45 -32.16 -22.36 1.20
CA PHE A 45 -32.36 -23.32 2.26
C PHE A 45 -31.53 -23.12 3.51
N GLY A 46 -30.96 -21.93 3.71
CA GLY A 46 -30.30 -21.66 4.96
C GLY A 46 -29.16 -20.69 5.07
N VAL A 47 -28.95 -20.24 6.30
CA VAL A 47 -27.81 -19.41 6.69
C VAL A 47 -26.60 -20.35 6.91
N VAL A 48 -25.41 -19.87 6.55
CA VAL A 48 -24.14 -20.58 6.73
C VAL A 48 -23.40 -19.90 7.89
N TYR A 49 -22.90 -20.70 8.84
CA TYR A 49 -22.21 -20.19 10.02
C TYR A 49 -20.82 -20.76 10.16
N LYS A 50 -19.89 -19.94 10.67
CA LYS A 50 -18.52 -20.33 10.96
C LYS A 50 -18.58 -21.06 12.32
N GLY A 51 -18.00 -22.26 12.36
CA GLY A 51 -17.89 -23.08 13.55
C GLY A 51 -16.47 -23.52 13.76
N TYR A 52 -16.14 -23.92 15.02
CA TYR A 52 -14.80 -24.40 15.39
C TYR A 52 -14.94 -25.70 16.17
N VAL A 53 -14.50 -26.81 15.56
CA VAL A 53 -14.53 -28.14 16.17
C VAL A 53 -13.08 -28.63 16.26
N ASN A 54 -12.54 -28.90 17.50
CA ASN A 54 -11.15 -29.36 17.80
C ASN A 54 -10.03 -28.49 17.15
N ASN A 55 -10.23 -27.15 17.15
CA ASN A 55 -9.33 -26.12 16.57
C ASN A 55 -9.17 -26.27 15.04
N THR A 56 -10.24 -26.79 14.41
CA THR A 56 -10.45 -26.93 12.97
C THR A 56 -11.66 -26.06 12.65
N THR A 57 -11.53 -25.22 11.62
CA THR A 57 -12.64 -24.37 11.18
C THR A 57 -13.52 -25.18 10.23
N VAL A 58 -14.84 -25.10 10.47
CA VAL A 58 -15.91 -25.77 9.73
C VAL A 58 -16.99 -24.79 9.33
N ALA A 59 -17.70 -25.13 8.27
CA ALA A 59 -18.84 -24.36 7.78
C ALA A 59 -20.09 -25.14 8.20
N VAL A 60 -21.10 -24.44 8.68
CA VAL A 60 -22.30 -25.11 9.17
C VAL A 60 -23.55 -24.54 8.53
N LYS A 61 -24.38 -25.41 7.98
CA LYS A 61 -25.62 -24.97 7.40
C LYS A 61 -26.83 -25.40 8.23
N LYS A 62 -27.53 -24.42 8.77
CA LYS A 62 -28.78 -24.61 9.48
C LYS A 62 -29.93 -24.38 8.52
N LEU A 63 -30.69 -25.43 8.25
CA LEU A 63 -31.84 -25.40 7.36
C LEU A 63 -33.14 -24.99 8.07
N ILE A 69 -43.14 -25.28 1.20
CA ILE A 69 -41.95 -25.51 2.03
C ILE A 69 -42.38 -26.11 3.39
N THR A 70 -42.58 -27.43 3.46
CA THR A 70 -42.99 -28.11 4.70
C THR A 70 -41.82 -28.90 5.33
N THR A 71 -42.03 -29.45 6.55
CA THR A 71 -41.04 -30.23 7.31
C THR A 71 -40.69 -31.55 6.60
N GLU A 72 -41.67 -32.19 5.92
CA GLU A 72 -41.48 -33.44 5.18
C GLU A 72 -40.86 -33.24 3.78
N GLU A 73 -40.86 -31.98 3.29
CA GLU A 73 -40.28 -31.59 1.99
C GLU A 73 -38.84 -31.09 2.13
N LEU A 74 -38.51 -30.44 3.28
CA LEU A 74 -37.16 -29.93 3.60
C LEU A 74 -36.23 -31.09 3.97
N LYS A 75 -36.80 -32.23 4.41
CA LYS A 75 -36.07 -33.45 4.76
C LYS A 75 -35.44 -34.11 3.51
N GLN A 76 -36.21 -34.30 2.43
CA GLN A 76 -35.72 -34.91 1.18
C GLN A 76 -34.69 -34.03 0.44
N GLN A 77 -34.63 -32.72 0.75
CA GLN A 77 -33.70 -31.74 0.17
C GLN A 77 -32.38 -31.71 0.97
N PHE A 78 -32.46 -32.06 2.27
CA PHE A 78 -31.34 -32.18 3.21
C PHE A 78 -30.67 -33.54 2.96
N ASP A 79 -31.49 -34.59 2.72
CA ASP A 79 -31.03 -35.96 2.43
C ASP A 79 -30.31 -36.03 1.08
N GLN A 80 -30.74 -35.18 0.15
CA GLN A 80 -30.09 -35.03 -1.14
C GLN A 80 -28.61 -34.64 -1.02
N GLU A 81 -28.35 -33.52 -0.35
CA GLU A 81 -26.99 -33.03 -0.19
C GLU A 81 -26.11 -34.11 0.41
N ILE A 82 -26.72 -35.05 1.13
CA ILE A 82 -25.97 -36.10 1.81
C ILE A 82 -25.78 -37.33 0.93
N LYS A 83 -26.84 -37.69 0.24
CA LYS A 83 -26.88 -38.77 -0.74
C LYS A 83 -25.85 -38.57 -1.85
N VAL A 84 -25.83 -37.37 -2.41
CA VAL A 84 -24.92 -37.08 -3.50
C VAL A 84 -23.52 -36.93 -2.97
N MET A 85 -23.38 -36.29 -1.82
CA MET A 85 -22.06 -36.00 -1.29
C MET A 85 -21.33 -37.24 -0.80
N ALA A 86 -22.06 -38.33 -0.66
CA ALA A 86 -21.47 -39.57 -0.18
C ALA A 86 -20.95 -40.38 -1.35
N LYS A 87 -21.72 -40.37 -2.41
CA LYS A 87 -21.34 -41.01 -3.67
C LYS A 87 -20.22 -40.25 -4.42
N CYS A 88 -20.16 -38.94 -4.25
CA CYS A 88 -19.23 -38.12 -5.02
C CYS A 88 -18.17 -37.40 -4.23
N GLN A 89 -16.94 -37.92 -4.23
CA GLN A 89 -15.83 -37.25 -3.59
C GLN A 89 -14.70 -36.98 -4.57
N HIS A 90 -14.36 -35.71 -4.74
CA HIS A 90 -13.33 -35.32 -5.68
C HIS A 90 -12.56 -34.11 -5.19
N GLU A 91 -11.43 -33.84 -5.82
CA GLU A 91 -10.59 -32.74 -5.40
C GLU A 91 -11.22 -31.38 -5.71
N ASN A 92 -12.19 -31.36 -6.62
CA ASN A 92 -12.87 -30.14 -7.00
C ASN A 92 -14.33 -30.10 -6.57
N LEU A 93 -14.66 -30.86 -5.54
CA LEU A 93 -16.01 -30.88 -4.93
C LEU A 93 -15.89 -30.58 -3.45
N VAL A 94 -16.81 -29.83 -2.89
CA VAL A 94 -16.77 -29.53 -1.46
C VAL A 94 -16.97 -30.83 -0.71
N GLU A 95 -16.23 -31.01 0.39
CA GLU A 95 -16.31 -32.20 1.23
C GLU A 95 -17.24 -31.97 2.42
N LEU A 96 -18.23 -32.86 2.57
CA LEU A 96 -19.15 -32.85 3.72
C LEU A 96 -18.45 -33.61 4.86
N LEU A 97 -18.45 -33.03 6.06
CA LEU A 97 -17.81 -33.64 7.22
C LEU A 97 -18.81 -34.34 8.10
N GLY A 98 -20.01 -33.79 8.18
CA GLY A 98 -21.08 -34.34 9.00
C GLY A 98 -22.42 -33.72 8.80
N PHE A 99 -23.33 -34.05 9.73
CA PHE A 99 -24.73 -33.63 9.71
C PHE A 99 -25.33 -33.76 11.12
N SER A 100 -26.55 -33.23 11.31
CA SER A 100 -27.28 -33.29 12.58
C SER A 100 -28.76 -33.62 12.36
N SER A 101 -29.16 -34.86 12.71
CA SER A 101 -30.53 -35.36 12.57
C SER A 101 -31.37 -35.14 13.86
N ASP A 102 -31.93 -33.92 14.01
CA ASP A 102 -32.74 -33.52 15.17
C ASP A 102 -34.24 -33.40 14.81
N GLY A 103 -34.62 -34.05 13.70
CA GLY A 103 -35.99 -34.05 13.21
C GLY A 103 -36.34 -32.71 12.56
N ASP A 104 -36.82 -31.75 13.39
CA ASP A 104 -37.18 -30.39 12.95
C ASP A 104 -35.94 -29.57 12.53
N ASP A 105 -34.94 -29.42 13.46
CA ASP A 105 -33.67 -28.70 13.23
C ASP A 105 -32.73 -29.59 12.41
N LEU A 106 -32.31 -29.12 11.22
CA LEU A 106 -31.41 -29.90 10.36
C LEU A 106 -30.16 -29.12 10.01
N CYS A 107 -28.98 -29.73 10.26
CA CYS A 107 -27.68 -29.09 10.05
C CYS A 107 -26.75 -29.92 9.19
N LEU A 108 -25.98 -29.24 8.31
CA LEU A 108 -24.95 -29.84 7.46
C LEU A 108 -23.63 -29.16 7.73
N VAL A 109 -22.57 -29.96 7.90
CA VAL A 109 -21.25 -29.46 8.26
C VAL A 109 -20.23 -29.75 7.17
N TYR A 110 -19.53 -28.72 6.69
CA TYR A 110 -18.57 -28.87 5.60
C TYR A 110 -17.21 -28.36 5.99
N VAL A 111 -16.21 -28.79 5.21
CA VAL A 111 -14.85 -28.29 5.30
C VAL A 111 -15.00 -26.81 4.94
N TYR A 112 -14.53 -25.91 5.82
CA TYR A 112 -14.55 -24.46 5.64
C TYR A 112 -13.61 -24.07 4.49
N MET A 113 -14.12 -23.27 3.56
CA MET A 113 -13.37 -22.77 2.39
C MET A 113 -12.86 -21.39 2.76
N PRO A 114 -11.57 -21.23 3.11
CA PRO A 114 -11.13 -19.91 3.59
C PRO A 114 -11.31 -18.75 2.62
N ASN A 115 -11.44 -19.03 1.32
CA ASN A 115 -11.58 -17.95 0.35
C ASN A 115 -12.99 -17.78 -0.22
N GLY A 116 -14.00 -18.33 0.46
CA GLY A 116 -15.42 -18.26 0.08
C GLY A 116 -15.76 -18.60 -1.36
N SER A 117 -16.73 -17.86 -1.98
CA SER A 117 -17.16 -18.09 -3.35
C SER A 117 -16.44 -17.25 -4.41
N LEU A 118 -16.42 -17.76 -5.64
CA LEU A 118 -15.88 -17.11 -6.84
C LEU A 118 -16.65 -15.83 -7.10
N LEU A 119 -17.95 -15.84 -6.78
CA LEU A 119 -18.82 -14.69 -6.92
C LEU A 119 -18.30 -13.52 -6.09
N ASP A 120 -18.00 -13.79 -4.80
CA ASP A 120 -17.49 -12.81 -3.86
C ASP A 120 -16.07 -12.39 -4.19
N ARG A 121 -15.26 -13.30 -4.72
CA ARG A 121 -13.90 -12.97 -5.08
C ARG A 121 -13.81 -12.20 -6.38
N LEU A 122 -14.82 -12.32 -7.26
CA LEU A 122 -14.83 -11.53 -8.51
C LEU A 122 -15.31 -10.10 -8.26
N SER A 123 -16.19 -9.92 -7.25
CA SER A 123 -16.69 -8.60 -6.88
C SER A 123 -15.79 -7.85 -5.87
N CYS A 124 -14.75 -8.56 -5.36
CA CYS A 124 -13.77 -8.18 -4.33
C CYS A 124 -14.45 -7.82 -3.00
N LEU A 125 -15.50 -8.57 -2.68
CA LEU A 125 -16.31 -8.38 -1.49
C LEU A 125 -15.46 -8.47 -0.22
N ASP A 126 -15.63 -7.46 0.66
CA ASP A 126 -14.92 -7.29 1.94
C ASP A 126 -13.44 -6.90 1.75
N GLY A 127 -13.12 -6.39 0.57
CA GLY A 127 -11.81 -5.87 0.28
C GLY A 127 -10.73 -6.85 -0.11
N THR A 128 -11.10 -8.05 -0.55
CA THR A 128 -10.12 -9.03 -1.00
C THR A 128 -9.49 -8.54 -2.34
N PRO A 129 -8.21 -8.76 -2.63
CA PRO A 129 -7.67 -8.25 -3.92
C PRO A 129 -8.23 -8.95 -5.17
N PRO A 130 -8.22 -8.27 -6.34
CA PRO A 130 -8.73 -8.91 -7.57
C PRO A 130 -7.91 -10.15 -7.98
N LEU A 131 -8.61 -11.21 -8.44
CA LEU A 131 -7.97 -12.45 -8.89
C LEU A 131 -7.27 -12.17 -10.19
N SER A 132 -6.07 -12.70 -10.34
CA SER A 132 -5.30 -12.52 -11.56
C SER A 132 -5.86 -13.43 -12.64
N TRP A 133 -5.48 -13.21 -13.91
CA TRP A 133 -5.89 -14.03 -15.04
C TRP A 133 -5.43 -15.48 -14.84
N HIS A 134 -4.21 -15.65 -14.36
CA HIS A 134 -3.56 -16.89 -14.01
C HIS A 134 -4.39 -17.70 -13.01
N MET A 135 -4.79 -17.06 -11.89
CA MET A 135 -5.64 -17.64 -10.84
C MET A 135 -7.01 -18.03 -11.45
N ARG A 136 -7.58 -17.14 -12.29
CA ARG A 136 -8.84 -17.35 -13.00
C ARG A 136 -8.82 -18.58 -13.90
N CYS A 137 -7.76 -18.76 -14.66
CA CYS A 137 -7.61 -19.90 -15.54
C CYS A 137 -7.56 -21.21 -14.79
N LYS A 138 -6.90 -21.20 -13.64
CA LYS A 138 -6.78 -22.39 -12.82
C LYS A 138 -8.10 -22.75 -12.15
N ILE A 139 -8.89 -21.74 -11.82
CA ILE A 139 -10.18 -21.92 -11.20
C ILE A 139 -11.17 -22.46 -12.23
N ALA A 140 -11.08 -21.97 -13.46
CA ALA A 140 -11.92 -22.45 -14.55
C ALA A 140 -11.69 -23.94 -14.83
N GLN A 141 -10.44 -24.38 -14.80
CA GLN A 141 -10.01 -25.77 -15.02
C GLN A 141 -10.44 -26.69 -13.91
N GLY A 142 -10.26 -26.24 -12.68
CA GLY A 142 -10.68 -26.94 -11.47
C GLY A 142 -12.18 -27.06 -11.46
N ALA A 143 -12.91 -26.01 -11.80
CA ALA A 143 -14.38 -26.08 -11.86
C ALA A 143 -14.87 -27.08 -12.92
N ALA A 144 -14.21 -27.10 -14.11
CA ALA A 144 -14.53 -28.05 -15.19
C ALA A 144 -14.23 -29.51 -14.81
N ASN A 145 -13.17 -29.76 -14.01
CA ASN A 145 -12.76 -31.08 -13.53
C ASN A 145 -13.78 -31.67 -12.57
N GLY A 146 -14.37 -30.82 -11.73
CA GLY A 146 -15.42 -31.19 -10.78
C GLY A 146 -16.72 -31.51 -11.48
N ILE A 147 -17.05 -30.77 -12.53
CA ILE A 147 -18.26 -31.02 -13.32
C ILE A 147 -18.09 -32.33 -14.09
N ASN A 148 -16.87 -32.59 -14.59
CA ASN A 148 -16.54 -33.81 -15.32
C ASN A 148 -16.69 -35.06 -14.47
N PHE A 149 -16.26 -34.96 -13.21
CA PHE A 149 -16.37 -36.04 -12.26
C PHE A 149 -17.83 -36.36 -12.00
N LEU A 150 -18.68 -35.33 -11.86
CA LEU A 150 -20.10 -35.48 -11.61
C LEU A 150 -20.81 -36.14 -12.78
N HIS A 151 -20.43 -35.76 -14.02
CA HIS A 151 -20.99 -36.28 -15.25
C HIS A 151 -20.56 -37.69 -15.53
N GLU A 152 -19.37 -38.05 -15.09
CA GLU A 152 -18.81 -39.40 -15.21
C GLU A 152 -19.50 -40.36 -14.22
N ASN A 153 -20.00 -39.80 -13.11
CA ASN A 153 -20.69 -40.51 -12.04
C ASN A 153 -22.20 -40.42 -12.18
N HIS A 154 -22.67 -40.08 -13.41
CA HIS A 154 -24.05 -39.97 -13.85
C HIS A 154 -24.89 -39.08 -12.93
N HIS A 155 -24.41 -37.85 -12.73
CA HIS A 155 -25.03 -36.81 -11.93
C HIS A 155 -25.11 -35.50 -12.69
N ILE A 156 -26.26 -34.84 -12.59
CA ILE A 156 -26.53 -33.52 -13.16
C ILE A 156 -26.59 -32.61 -11.94
N HIS A 157 -25.73 -31.58 -11.89
CA HIS A 157 -25.65 -30.62 -10.77
C HIS A 157 -26.93 -29.80 -10.61
N ARG A 158 -27.39 -29.18 -11.74
CA ARG A 158 -28.59 -28.35 -11.88
C ARG A 158 -28.49 -26.94 -11.26
N ASP A 159 -27.38 -26.58 -10.62
CA ASP A 159 -27.24 -25.25 -10.05
C ASP A 159 -25.79 -24.74 -10.11
N ILE A 160 -25.18 -24.88 -11.30
CA ILE A 160 -23.82 -24.40 -11.57
C ILE A 160 -23.91 -22.90 -11.74
N LYS A 161 -23.20 -22.19 -10.88
CA LYS A 161 -23.10 -20.73 -10.81
C LYS A 161 -21.89 -20.41 -9.97
N SER A 162 -21.34 -19.18 -10.08
CA SER A 162 -20.16 -18.75 -9.34
C SER A 162 -20.33 -18.67 -7.80
N ALA A 163 -21.58 -18.62 -7.28
CA ALA A 163 -21.85 -18.63 -5.84
C ALA A 163 -21.69 -20.08 -5.34
N ASN A 164 -21.75 -21.07 -6.28
CA ASN A 164 -21.59 -22.50 -5.99
C ASN A 164 -20.21 -23.03 -6.37
N ILE A 165 -19.25 -22.12 -6.57
CA ILE A 165 -17.86 -22.47 -6.80
C ILE A 165 -17.10 -21.85 -5.64
N LEU A 166 -16.61 -22.68 -4.74
CA LEU A 166 -15.88 -22.18 -3.58
C LEU A 166 -14.40 -22.35 -3.74
N LEU A 167 -13.64 -21.52 -3.04
CA LEU A 167 -12.19 -21.45 -3.10
C LEU A 167 -11.57 -21.74 -1.76
N ASP A 168 -10.67 -22.73 -1.73
CA ASP A 168 -9.95 -23.15 -0.55
C ASP A 168 -8.72 -22.27 -0.31
N GLU A 169 -7.81 -22.73 0.55
CA GLU A 169 -6.55 -22.12 1.02
C GLU A 169 -5.52 -21.86 -0.09
N ALA A 170 -5.71 -22.45 -1.26
CA ALA A 170 -4.86 -22.36 -2.42
C ALA A 170 -5.64 -21.90 -3.66
N PHE A 171 -6.90 -21.40 -3.48
CA PHE A 171 -7.83 -20.99 -4.53
C PHE A 171 -8.11 -22.15 -5.51
N THR A 172 -8.19 -23.38 -4.96
CA THR A 172 -8.57 -24.56 -5.72
C THR A 172 -10.08 -24.46 -5.75
N ALA A 173 -10.66 -24.57 -6.95
CA ALA A 173 -12.08 -24.51 -7.17
C ALA A 173 -12.77 -25.76 -6.62
N LYS A 174 -13.86 -25.57 -5.89
CA LYS A 174 -14.66 -26.65 -5.32
C LYS A 174 -16.13 -26.42 -5.64
N ILE A 175 -16.75 -27.28 -6.47
CA ILE A 175 -18.19 -27.22 -6.77
C ILE A 175 -18.92 -27.57 -5.44
N SER A 176 -19.97 -26.83 -5.13
CA SER A 176 -20.74 -27.06 -3.94
C SER A 176 -22.22 -27.08 -4.22
N ASP A 177 -22.97 -27.39 -3.18
CA ASP A 177 -24.42 -27.35 -3.22
C ASP A 177 -25.04 -28.37 -4.16
N PHE A 178 -25.22 -29.59 -3.66
CA PHE A 178 -25.78 -30.65 -4.46
C PHE A 178 -27.19 -31.00 -4.01
N GLY A 179 -27.87 -30.00 -3.46
CA GLY A 179 -29.26 -30.09 -3.04
C GLY A 179 -30.26 -30.30 -4.15
N LEU A 180 -29.90 -29.86 -5.38
CA LEU A 180 -30.72 -30.01 -6.59
C LEU A 180 -30.10 -31.00 -7.58
N ALA A 181 -29.03 -31.72 -7.16
CA ALA A 181 -28.35 -32.71 -8.01
C ALA A 181 -29.19 -33.97 -8.22
N ARG A 182 -29.21 -34.47 -9.47
CA ARG A 182 -30.00 -35.64 -9.87
C ARG A 182 -29.16 -36.70 -10.58
N ALA A 183 -29.51 -37.98 -10.34
CA ALA A 183 -28.86 -39.14 -10.96
C ALA A 183 -29.48 -39.54 -12.35
N SER A 184 -28.70 -40.32 -13.15
CA SER A 184 -29.07 -40.78 -14.50
C SER A 184 -28.88 -42.30 -14.64
N VAL A 191 -35.58 -36.72 -19.88
CA VAL A 191 -36.11 -36.57 -18.53
C VAL A 191 -36.77 -35.20 -18.37
N MET A 192 -37.99 -35.16 -17.78
CA MET A 192 -38.77 -33.94 -17.57
C MET A 192 -39.21 -33.79 -16.10
N TPO A 193 -39.57 -32.55 -15.69
CA TPO A 193 -40.04 -32.21 -14.35
CB TPO A 193 -38.89 -31.95 -13.31
CG2 TPO A 193 -38.05 -30.66 -13.52
OG1 TPO A 193 -39.36 -31.98 -11.91
P TPO A 193 -39.31 -33.31 -11.10
O1P TPO A 193 -39.06 -32.93 -9.64
O2P TPO A 193 -40.68 -34.00 -11.17
O3P TPO A 193 -38.27 -34.35 -11.59
C TPO A 193 -41.06 -31.06 -14.38
O TPO A 193 -40.97 -30.16 -15.23
N SEP A 194 -42.03 -31.09 -13.45
CA SEP A 194 -43.08 -30.08 -13.28
CB SEP A 194 -44.39 -30.74 -12.74
OG SEP A 194 -44.20 -31.31 -11.42
C SEP A 194 -42.58 -28.95 -12.37
O SEP A 194 -43.07 -27.81 -12.49
P SEP A 194 -45.20 -32.47 -11.05
O1P SEP A 194 -44.86 -32.92 -9.62
O2P SEP A 194 -45.06 -33.67 -11.99
O3P SEP A 194 -46.65 -31.98 -11.07
N ARG A 195 -41.61 -29.25 -11.49
CA ARG A 195 -40.99 -28.33 -10.54
C ARG A 195 -39.60 -27.86 -11.03
N ILE A 196 -39.59 -26.78 -11.83
CA ILE A 196 -38.39 -26.17 -12.42
C ILE A 196 -37.64 -25.35 -11.36
N VAL A 197 -36.41 -25.78 -11.06
CA VAL A 197 -35.54 -25.17 -10.05
C VAL A 197 -34.11 -24.92 -10.59
N GLY A 198 -33.53 -23.80 -10.16
CA GLY A 198 -32.20 -23.36 -10.54
C GLY A 198 -32.07 -21.85 -10.44
N THR A 199 -30.96 -21.31 -10.98
CA THR A 199 -30.75 -19.85 -10.98
C THR A 199 -30.93 -19.36 -12.41
N THR A 200 -32.04 -18.65 -12.62
CA THR A 200 -32.61 -18.19 -13.89
C THR A 200 -31.58 -17.56 -14.86
N ALA A 201 -30.67 -16.68 -14.37
CA ALA A 201 -29.62 -16.01 -15.16
C ALA A 201 -28.49 -16.93 -15.65
N TYR A 202 -28.48 -18.18 -15.18
CA TYR A 202 -27.50 -19.20 -15.52
C TYR A 202 -28.12 -20.36 -16.27
N MET A 203 -29.46 -20.42 -16.32
CA MET A 203 -30.23 -21.52 -16.89
C MET A 203 -30.35 -21.54 -18.40
N ALA A 204 -30.25 -22.77 -18.92
CA ALA A 204 -30.37 -23.13 -20.32
C ALA A 204 -31.82 -23.05 -20.72
N PRO A 205 -32.14 -22.61 -21.97
CA PRO A 205 -33.55 -22.52 -22.39
C PRO A 205 -34.36 -23.80 -22.12
N GLU A 206 -33.79 -24.99 -22.37
CA GLU A 206 -34.49 -26.27 -22.13
C GLU A 206 -34.66 -26.60 -20.64
N ALA A 207 -33.73 -26.15 -19.78
CA ALA A 207 -33.81 -26.37 -18.33
C ALA A 207 -34.97 -25.52 -17.80
N LEU A 208 -35.18 -24.33 -18.41
CA LEU A 208 -36.27 -23.40 -18.10
C LEU A 208 -37.63 -24.01 -18.52
N ARG A 209 -37.60 -24.98 -19.47
CA ARG A 209 -38.75 -25.73 -19.97
C ARG A 209 -39.06 -27.02 -19.19
N GLY A 210 -38.15 -27.45 -18.32
CA GLY A 210 -38.35 -28.64 -17.49
C GLY A 210 -37.47 -29.82 -17.80
N GLU A 211 -36.64 -29.73 -18.87
CA GLU A 211 -35.71 -30.81 -19.23
C GLU A 211 -34.58 -30.93 -18.20
N ILE A 212 -34.24 -32.17 -17.81
CA ILE A 212 -33.15 -32.45 -16.90
C ILE A 212 -32.08 -33.13 -17.73
N THR A 213 -31.00 -32.40 -18.04
CA THR A 213 -29.93 -32.93 -18.87
C THR A 213 -28.54 -32.44 -18.43
N PRO A 214 -27.48 -33.28 -18.53
CA PRO A 214 -26.13 -32.78 -18.19
C PRO A 214 -25.66 -31.63 -19.09
N LYS A 215 -26.35 -31.41 -20.23
CA LYS A 215 -26.06 -30.36 -21.21
C LYS A 215 -26.46 -28.99 -20.69
N SER A 216 -27.40 -28.95 -19.75
CA SER A 216 -27.86 -27.72 -19.13
C SER A 216 -26.78 -27.12 -18.20
N ASP A 217 -25.98 -28.01 -17.59
CA ASP A 217 -24.83 -27.73 -16.70
C ASP A 217 -23.69 -27.06 -17.48
N ILE A 218 -23.46 -27.49 -18.73
CA ILE A 218 -22.45 -26.94 -19.65
C ILE A 218 -22.77 -25.48 -19.93
N TYR A 219 -24.05 -25.20 -20.21
CA TYR A 219 -24.60 -23.87 -20.47
C TYR A 219 -24.33 -22.94 -19.26
N SER A 220 -24.65 -23.41 -18.04
CA SER A 220 -24.45 -22.70 -16.79
C SER A 220 -22.98 -22.38 -16.56
N PHE A 221 -22.11 -23.34 -16.91
CA PHE A 221 -20.68 -23.19 -16.85
C PHE A 221 -20.16 -22.10 -17.81
N GLY A 222 -20.81 -21.94 -18.95
CA GLY A 222 -20.49 -20.91 -19.94
C GLY A 222 -20.76 -19.52 -19.42
N VAL A 223 -21.79 -19.37 -18.58
CA VAL A 223 -22.15 -18.10 -17.92
C VAL A 223 -21.05 -17.77 -16.90
N VAL A 224 -20.59 -18.80 -16.19
CA VAL A 224 -19.51 -18.78 -15.20
C VAL A 224 -18.19 -18.36 -15.87
N LEU A 225 -17.91 -18.84 -17.09
CA LEU A 225 -16.70 -18.45 -17.80
C LEU A 225 -16.73 -16.99 -18.23
N LEU A 226 -17.91 -16.45 -18.52
CA LEU A 226 -18.12 -15.05 -18.85
C LEU A 226 -17.94 -14.18 -17.61
N GLU A 227 -18.35 -14.68 -16.43
CA GLU A 227 -18.15 -14.02 -15.15
C GLU A 227 -16.67 -13.91 -14.83
N ILE A 228 -15.91 -14.99 -15.10
CA ILE A 228 -14.47 -15.08 -14.93
C ILE A 228 -13.72 -14.10 -15.85
N ILE A 229 -14.18 -13.88 -17.11
CA ILE A 229 -13.51 -12.98 -18.05
C ILE A 229 -13.82 -11.52 -17.77
N THR A 230 -15.07 -11.23 -17.45
CA THR A 230 -15.60 -9.89 -17.31
C THR A 230 -15.60 -9.33 -15.90
N GLY A 231 -15.64 -10.23 -14.91
CA GLY A 231 -15.73 -9.83 -13.52
C GLY A 231 -17.08 -9.23 -13.15
N LEU A 232 -18.08 -9.40 -14.04
CA LEU A 232 -19.44 -8.88 -13.91
C LEU A 232 -20.40 -9.96 -13.43
N PRO A 233 -21.40 -9.63 -12.58
CA PRO A 233 -22.42 -10.64 -12.18
C PRO A 233 -23.32 -11.06 -13.35
N ALA A 234 -23.88 -12.30 -13.30
CA ALA A 234 -24.74 -12.84 -14.38
C ALA A 234 -25.99 -11.98 -14.68
N VAL A 235 -26.45 -11.24 -13.67
CA VAL A 235 -27.59 -10.36 -13.78
C VAL A 235 -27.36 -9.09 -12.94
N ASP A 236 -27.62 -7.94 -13.54
CA ASP A 236 -27.57 -6.63 -12.90
C ASP A 236 -28.70 -5.78 -13.50
N GLU A 237 -29.70 -5.43 -12.66
CA GLU A 237 -30.87 -4.64 -13.06
C GLU A 237 -30.48 -3.23 -13.57
N HIS A 238 -29.41 -2.64 -12.99
CA HIS A 238 -28.89 -1.32 -13.40
C HIS A 238 -27.71 -1.53 -14.36
N ARG A 239 -27.95 -2.18 -15.54
CA ARG A 239 -26.93 -2.47 -16.55
C ARG A 239 -27.54 -2.62 -17.97
N GLU A 240 -26.68 -2.57 -19.01
CA GLU A 240 -27.05 -2.74 -20.41
C GLU A 240 -25.96 -3.58 -21.15
N PRO A 241 -26.20 -4.88 -21.46
CA PRO A 241 -27.40 -5.68 -21.17
C PRO A 241 -27.46 -6.18 -19.73
N GLN A 242 -28.68 -6.37 -19.20
CA GLN A 242 -28.92 -6.82 -17.83
C GLN A 242 -28.43 -8.25 -17.57
N LEU A 243 -28.48 -9.10 -18.60
CA LEU A 243 -28.01 -10.47 -18.51
C LEU A 243 -26.68 -10.59 -19.21
N LEU A 244 -25.68 -11.12 -18.49
CA LEU A 244 -24.33 -11.32 -18.98
C LEU A 244 -24.23 -12.19 -20.25
N LEU A 245 -25.08 -13.25 -20.36
CA LEU A 245 -25.07 -14.14 -21.54
C LEU A 245 -25.44 -13.40 -22.85
N ASP A 246 -26.11 -12.22 -22.74
CA ASP A 246 -26.50 -11.40 -23.89
C ASP A 246 -25.30 -10.75 -24.60
N ILE A 247 -24.15 -10.61 -23.90
CA ILE A 247 -22.92 -10.03 -24.44
C ILE A 247 -22.37 -10.91 -25.57
N LYS A 248 -22.74 -12.21 -25.59
CA LYS A 248 -22.38 -13.19 -26.62
C LYS A 248 -22.92 -12.72 -27.99
N GLU A 249 -24.13 -12.12 -27.97
CA GLU A 249 -24.83 -11.58 -29.13
C GLU A 249 -24.26 -10.24 -29.56
N GLU A 250 -23.88 -9.39 -28.60
CA GLU A 250 -23.25 -8.09 -28.85
C GLU A 250 -21.89 -8.24 -29.56
N ILE A 251 -21.12 -9.29 -29.20
CA ILE A 251 -19.82 -9.59 -29.80
C ILE A 251 -20.00 -10.20 -31.21
N GLU A 252 -20.92 -11.13 -31.32
CA GLU A 252 -21.23 -11.80 -32.57
C GLU A 252 -21.84 -10.83 -33.55
N ASP A 253 -22.45 -9.78 -33.02
CA ASP A 253 -23.07 -8.76 -33.85
C ASP A 253 -22.17 -7.55 -33.94
N GLU A 254 -20.91 -7.73 -33.56
CA GLU A 254 -19.89 -6.70 -33.71
C GLU A 254 -20.28 -5.32 -33.19
N GLU A 255 -21.23 -5.29 -32.27
CA GLU A 255 -21.61 -4.06 -31.55
C GLU A 255 -20.50 -3.71 -30.55
N LYS A 256 -19.88 -4.75 -29.96
CA LYS A 256 -18.83 -4.71 -28.94
C LYS A 256 -17.81 -5.80 -29.22
N THR A 257 -16.64 -5.71 -28.57
CA THR A 257 -15.56 -6.70 -28.70
C THR A 257 -15.34 -7.37 -27.35
N ILE A 258 -14.61 -8.50 -27.31
CA ILE A 258 -14.34 -9.16 -26.02
C ILE A 258 -13.38 -8.29 -25.21
N GLU A 259 -12.47 -7.54 -25.90
CA GLU A 259 -11.52 -6.59 -25.29
C GLU A 259 -12.25 -5.50 -24.50
N ASP A 260 -13.45 -5.10 -24.97
CA ASP A 260 -14.27 -4.10 -24.30
C ASP A 260 -14.86 -4.68 -22.99
N TYR A 261 -14.95 -6.00 -22.90
CA TYR A 261 -15.59 -6.68 -21.79
C TYR A 261 -14.65 -7.36 -20.78
N ILE A 262 -13.33 -7.51 -21.10
CA ILE A 262 -12.33 -8.09 -20.18
C ILE A 262 -12.31 -7.30 -18.87
N ASP A 263 -12.20 -7.99 -17.73
CA ASP A 263 -12.15 -7.38 -16.42
C ASP A 263 -10.88 -6.47 -16.31
N LYS A 264 -11.13 -5.17 -16.14
CA LYS A 264 -10.14 -4.14 -16.01
C LYS A 264 -9.33 -4.23 -14.70
N LYS A 265 -9.81 -5.06 -13.75
CA LYS A 265 -9.17 -5.32 -12.48
C LYS A 265 -8.08 -6.41 -12.59
N MET A 266 -7.45 -6.58 -13.74
CA MET A 266 -6.34 -7.51 -13.99
C MET A 266 -5.22 -6.77 -14.70
N ASN A 267 -3.97 -7.25 -14.57
CA ASN A 267 -2.79 -6.69 -15.24
C ASN A 267 -2.05 -7.73 -16.06
N ASP A 268 -2.50 -9.00 -15.99
CA ASP A 268 -1.82 -10.15 -16.59
C ASP A 268 -2.64 -10.94 -17.63
N ALA A 269 -3.75 -10.37 -18.10
CA ALA A 269 -4.57 -11.04 -19.13
C ALA A 269 -3.98 -10.85 -20.55
N ASP A 270 -3.86 -11.93 -21.31
CA ASP A 270 -3.38 -11.87 -22.69
C ASP A 270 -4.53 -12.17 -23.63
N SER A 271 -4.54 -11.49 -24.79
CA SER A 271 -5.58 -11.61 -25.81
C SER A 271 -5.89 -13.05 -26.21
N THR A 272 -4.84 -13.85 -26.48
CA THR A 272 -4.91 -15.24 -26.91
C THR A 272 -5.64 -16.14 -25.92
N SER A 273 -5.23 -16.18 -24.64
CA SER A 273 -5.92 -17.05 -23.69
C SER A 273 -7.31 -16.51 -23.32
N VAL A 274 -7.52 -15.19 -23.38
CA VAL A 274 -8.83 -14.58 -23.11
C VAL A 274 -9.83 -14.94 -24.23
N GLU A 275 -9.35 -14.92 -25.50
CA GLU A 275 -10.12 -15.30 -26.68
C GLU A 275 -10.45 -16.79 -26.64
N ALA A 276 -9.50 -17.60 -26.21
CA ALA A 276 -9.60 -19.05 -26.07
C ALA A 276 -10.64 -19.43 -24.99
N MET A 277 -10.68 -18.72 -23.84
CA MET A 277 -11.71 -19.00 -22.81
C MET A 277 -13.08 -18.50 -23.29
N TYR A 278 -13.12 -17.37 -24.01
CA TYR A 278 -14.35 -16.83 -24.57
C TYR A 278 -14.96 -17.81 -25.58
N SER A 279 -14.10 -18.45 -26.39
CA SER A 279 -14.49 -19.46 -27.37
C SER A 279 -15.10 -20.69 -26.68
N VAL A 280 -14.59 -21.10 -25.50
CA VAL A 280 -15.16 -22.20 -24.75
C VAL A 280 -16.55 -21.77 -24.23
N ALA A 281 -16.65 -20.56 -23.66
CA ALA A 281 -17.89 -19.98 -23.11
C ALA A 281 -18.95 -19.88 -24.19
N SER A 282 -18.57 -19.35 -25.37
CA SER A 282 -19.41 -19.19 -26.56
C SER A 282 -20.00 -20.53 -27.01
N GLN A 283 -19.19 -21.58 -27.04
CA GLN A 283 -19.61 -22.94 -27.41
C GLN A 283 -20.59 -23.53 -26.39
N CYS A 284 -20.32 -23.33 -25.09
CA CYS A 284 -21.10 -23.78 -23.94
C CYS A 284 -22.50 -23.14 -23.99
N LEU A 285 -22.58 -21.91 -24.49
CA LEU A 285 -23.79 -21.08 -24.53
C LEU A 285 -24.64 -21.19 -25.80
N HIS A 286 -24.40 -22.24 -26.61
CA HIS A 286 -25.24 -22.51 -27.78
C HIS A 286 -26.69 -22.73 -27.31
N GLU A 287 -27.66 -22.18 -28.06
CA GLU A 287 -29.09 -22.29 -27.74
C GLU A 287 -29.64 -23.70 -27.93
N LYS A 288 -29.00 -24.47 -28.83
CA LYS A 288 -29.32 -25.86 -29.10
C LYS A 288 -28.44 -26.73 -28.24
N LYS A 289 -29.04 -27.41 -27.24
CA LYS A 289 -28.34 -28.28 -26.28
C LYS A 289 -27.37 -29.29 -26.90
N ASN A 290 -27.72 -29.86 -28.07
CA ASN A 290 -26.91 -30.87 -28.77
C ASN A 290 -25.73 -30.31 -29.53
N LYS A 291 -25.71 -28.99 -29.77
CA LYS A 291 -24.60 -28.34 -30.45
C LYS A 291 -23.51 -27.89 -29.45
N ARG A 292 -23.81 -27.98 -28.13
CA ARG A 292 -22.87 -27.67 -27.04
C ARG A 292 -21.82 -28.77 -26.91
N PRO A 293 -20.57 -28.45 -26.45
CA PRO A 293 -19.61 -29.53 -26.22
C PRO A 293 -19.93 -30.25 -24.91
N ASP A 294 -19.48 -31.51 -24.74
CA ASP A 294 -19.64 -32.21 -23.48
C ASP A 294 -18.50 -31.73 -22.56
N ILE A 295 -18.58 -32.00 -21.25
CA ILE A 295 -17.60 -31.51 -20.27
C ILE A 295 -16.15 -32.00 -20.56
N LYS A 296 -15.97 -33.21 -21.13
CA LYS A 296 -14.65 -33.73 -21.46
C LYS A 296 -13.97 -32.87 -22.51
N LYS A 297 -14.75 -32.37 -23.47
CA LYS A 297 -14.29 -31.46 -24.52
C LYS A 297 -13.97 -30.07 -23.90
N VAL A 298 -14.83 -29.60 -22.97
CA VAL A 298 -14.68 -28.33 -22.25
C VAL A 298 -13.33 -28.34 -21.48
N GLN A 299 -13.07 -29.44 -20.74
CA GLN A 299 -11.86 -29.72 -19.96
C GLN A 299 -10.62 -29.69 -20.85
N GLN A 300 -10.69 -30.40 -22.00
CA GLN A 300 -9.65 -30.52 -23.02
C GLN A 300 -9.30 -29.13 -23.58
N LEU A 301 -10.32 -28.34 -23.95
CA LEU A 301 -10.18 -26.99 -24.51
C LEU A 301 -9.57 -26.00 -23.51
N LEU A 302 -9.96 -26.08 -22.22
CA LEU A 302 -9.41 -25.20 -21.16
C LEU A 302 -7.96 -25.57 -20.84
N GLN A 303 -7.60 -26.86 -21.03
CA GLN A 303 -6.26 -27.39 -20.83
C GLN A 303 -5.33 -26.85 -21.90
N GLU A 304 -5.81 -26.79 -23.16
CA GLU A 304 -5.08 -26.30 -24.34
C GLU A 304 -4.84 -24.80 -24.28
N MET A 305 -5.71 -24.06 -23.55
CA MET A 305 -5.63 -22.61 -23.34
C MET A 305 -4.37 -22.23 -22.53
N THR A 306 -3.96 -23.11 -21.59
CA THR A 306 -2.80 -22.91 -20.72
C THR A 306 -1.59 -23.78 -21.11
N ALA A 307 -1.64 -24.48 -22.26
CA ALA A 307 -0.53 -25.32 -22.73
C ALA A 307 0.50 -24.52 -23.53
N PHE B 13 5.22 41.55 17.90
CA PHE B 13 4.62 40.26 18.20
C PHE B 13 3.50 40.38 19.23
N HIS B 14 2.53 39.44 19.17
CA HIS B 14 1.40 39.44 20.08
C HIS B 14 1.79 39.06 21.51
N SER B 15 1.39 39.89 22.48
CA SER B 15 1.62 39.61 23.88
C SER B 15 0.43 38.85 24.45
N PHE B 16 0.64 37.57 24.79
CA PHE B 16 -0.38 36.70 25.38
C PHE B 16 -0.23 36.67 26.89
N SER B 17 -1.33 36.38 27.58
CA SER B 17 -1.38 36.18 29.02
C SER B 17 -1.13 34.68 29.19
N PHE B 18 -0.58 34.25 30.34
CA PHE B 18 -0.34 32.83 30.60
C PHE B 18 -1.67 32.05 30.50
N TYR B 19 -2.76 32.68 30.99
CA TYR B 19 -4.16 32.24 31.02
C TYR B 19 -4.65 31.89 29.61
N GLU B 20 -4.51 32.85 28.65
CA GLU B 20 -4.89 32.68 27.25
C GLU B 20 -4.14 31.47 26.66
N LEU B 21 -2.81 31.35 26.96
CA LEU B 21 -1.96 30.27 26.45
C LEU B 21 -2.26 28.89 27.04
N LYS B 22 -2.75 28.83 28.28
CA LYS B 22 -3.17 27.60 28.95
C LYS B 22 -4.38 27.03 28.20
N ASN B 23 -5.29 27.90 27.76
CA ASN B 23 -6.50 27.52 27.03
C ASN B 23 -6.23 27.06 25.59
N VAL B 24 -5.16 27.59 24.97
CA VAL B 24 -4.69 27.30 23.61
C VAL B 24 -4.12 25.86 23.53
N THR B 25 -3.41 25.46 24.60
CA THR B 25 -2.68 24.21 24.71
C THR B 25 -3.39 23.09 25.54
N ASN B 26 -4.66 23.28 25.86
CA ASN B 26 -5.40 22.31 26.65
C ASN B 26 -4.82 22.17 28.04
N ASN B 27 -4.42 23.29 28.62
CA ASN B 27 -3.87 23.31 29.97
C ASN B 27 -2.47 22.76 29.99
N PHE B 28 -1.78 22.84 28.86
CA PHE B 28 -0.44 22.32 28.73
C PHE B 28 -0.42 20.83 29.03
N ASP B 29 -1.26 20.11 28.33
CA ASP B 29 -1.28 18.66 28.36
C ASP B 29 0.12 18.14 28.06
N GLU B 30 0.64 17.22 28.85
CA GLU B 30 1.99 16.71 28.64
C GLU B 30 1.98 15.41 27.85
N ARG B 31 0.80 14.85 27.74
CA ARG B 31 0.52 13.65 26.94
C ARG B 31 0.85 13.87 25.45
N PRO B 32 1.29 12.85 24.67
CA PRO B 32 1.60 13.10 23.26
C PRO B 32 0.38 13.18 22.34
N ILE B 33 0.56 13.69 21.13
CA ILE B 33 -0.56 13.84 20.22
C ILE B 33 -1.10 12.49 19.80
N SER B 34 -0.41 11.44 20.24
CA SER B 34 -0.85 10.10 19.94
C SER B 34 -1.59 9.52 21.13
N VAL B 35 -1.59 10.25 22.23
CA VAL B 35 -2.36 9.89 23.41
C VAL B 35 -3.62 10.72 23.41
N GLY B 36 -3.57 11.78 22.62
CA GLY B 36 -4.61 12.82 22.54
C GLY B 36 -4.25 14.14 23.20
N GLY B 37 -3.02 14.24 23.71
CA GLY B 37 -2.49 15.42 24.39
C GLY B 37 -1.99 16.50 23.46
N ASN B 38 -0.96 17.22 23.90
CA ASN B 38 -0.42 18.33 23.11
C ASN B 38 1.11 18.31 22.87
N LYS B 39 1.87 17.57 23.67
CA LYS B 39 3.31 17.53 23.52
C LYS B 39 3.74 16.95 22.17
N MET B 40 4.52 17.71 21.41
CA MET B 40 5.00 17.28 20.10
C MET B 40 6.46 16.87 20.18
N GLY B 41 7.13 17.35 21.21
CA GLY B 41 8.53 17.08 21.48
C GLY B 41 9.09 17.96 22.57
N GLU B 42 10.41 17.92 22.74
CA GLU B 42 11.13 18.70 23.75
C GLU B 42 12.56 19.02 23.35
N GLY B 43 13.04 20.14 23.85
CA GLY B 43 14.41 20.61 23.71
C GLY B 43 15.07 20.70 25.08
N GLY B 44 16.22 21.37 25.12
CA GLY B 44 16.94 21.56 26.37
C GLY B 44 16.31 22.61 27.26
N PHE B 45 15.71 23.66 26.64
CA PHE B 45 15.09 24.80 27.33
C PHE B 45 13.63 24.59 27.75
N GLY B 46 12.99 23.52 27.25
CA GLY B 46 11.61 23.25 27.61
C GLY B 46 10.87 22.26 26.75
N VAL B 47 9.54 22.29 26.88
CA VAL B 47 8.62 21.41 26.16
C VAL B 47 7.86 22.16 25.05
N VAL B 48 7.65 21.50 23.90
CA VAL B 48 6.95 22.07 22.75
C VAL B 48 5.54 21.51 22.68
N TYR B 49 4.55 22.39 22.67
CA TYR B 49 3.14 22.00 22.65
C TYR B 49 2.41 22.46 21.40
N LYS B 50 1.48 21.62 20.93
CA LYS B 50 0.59 21.97 19.83
C LYS B 50 -0.50 22.89 20.43
N GLY B 51 -0.78 23.98 19.74
CA GLY B 51 -1.79 24.94 20.16
C GLY B 51 -2.69 25.34 19.01
N TYR B 52 -3.84 25.94 19.35
CA TYR B 52 -4.84 26.40 18.40
C TYR B 52 -5.31 27.80 18.72
N VAL B 53 -5.09 28.75 17.80
CA VAL B 53 -5.51 30.15 17.87
C VAL B 53 -6.39 30.44 16.62
N ASN B 54 -7.73 30.30 16.79
CA ASN B 54 -8.75 30.40 15.74
C ASN B 54 -8.70 29.10 14.89
N ASN B 55 -8.40 29.23 13.58
CA ASN B 55 -8.26 28.11 12.62
C ASN B 55 -6.78 27.87 12.27
N THR B 56 -5.88 28.59 12.98
CA THR B 56 -4.41 28.56 12.89
C THR B 56 -3.89 27.58 13.95
N THR B 57 -2.87 26.78 13.58
CA THR B 57 -2.18 25.89 14.50
C THR B 57 -0.88 26.57 14.90
N VAL B 58 -0.49 26.42 16.16
CA VAL B 58 0.71 27.05 16.68
C VAL B 58 1.57 26.04 17.43
N ALA B 59 2.83 26.42 17.63
CA ALA B 59 3.77 25.67 18.41
C ALA B 59 3.99 26.55 19.63
N VAL B 60 3.93 26.00 20.82
CA VAL B 60 4.09 26.79 22.05
C VAL B 60 5.20 26.20 22.89
N LYS B 61 6.19 27.01 23.23
CA LYS B 61 7.28 26.56 24.08
C LYS B 61 7.18 27.21 25.45
N LYS B 62 6.85 26.38 26.45
CA LYS B 62 6.77 26.72 27.87
C LYS B 62 8.13 26.33 28.46
N LEU B 63 8.96 27.34 28.76
CA LEU B 63 10.33 27.20 29.29
C LEU B 63 10.33 26.94 30.80
N THR B 70 19.49 29.62 36.63
CA THR B 70 18.59 30.29 37.58
C THR B 70 17.44 31.03 36.84
N THR B 71 16.47 31.59 37.62
CA THR B 71 15.30 32.33 37.12
C THR B 71 15.69 33.61 36.37
N GLU B 72 16.73 34.32 36.84
CA GLU B 72 17.23 35.56 36.23
C GLU B 72 18.11 35.30 34.98
N GLU B 73 18.62 34.04 34.83
CA GLU B 73 19.44 33.60 33.70
C GLU B 73 18.60 33.03 32.55
N LEU B 74 17.47 32.37 32.88
CA LEU B 74 16.52 31.78 31.92
C LEU B 74 15.72 32.89 31.23
N LYS B 75 15.57 34.07 31.89
CA LYS B 75 14.88 35.25 31.36
C LYS B 75 15.66 35.83 30.17
N GLN B 76 16.96 36.02 30.30
CA GLN B 76 17.77 36.53 29.21
C GLN B 76 17.75 35.55 28.04
N GLN B 77 17.84 34.27 28.35
CA GLN B 77 17.85 33.25 27.31
C GLN B 77 16.61 33.31 26.43
N PHE B 78 15.45 33.55 27.05
CA PHE B 78 14.21 33.70 26.31
C PHE B 78 14.15 35.08 25.62
N ASP B 79 14.81 36.07 26.21
CA ASP B 79 15.02 37.37 25.60
C ASP B 79 15.86 37.29 24.32
N GLN B 80 16.85 36.38 24.24
CA GLN B 80 17.71 36.20 23.06
C GLN B 80 16.88 35.72 21.87
N GLU B 81 15.91 34.80 22.13
CA GLU B 81 14.98 34.30 21.12
C GLU B 81 14.12 35.45 20.57
N ILE B 82 13.60 36.34 21.45
CA ILE B 82 12.79 37.50 21.05
C ILE B 82 13.63 38.56 20.31
N LYS B 83 14.82 38.90 20.87
CA LYS B 83 15.76 39.90 20.33
C LYS B 83 16.16 39.56 18.88
N VAL B 84 16.50 38.30 18.65
CA VAL B 84 16.89 37.88 17.33
C VAL B 84 15.70 37.81 16.42
N MET B 85 14.63 37.20 16.92
CA MET B 85 13.40 37.02 16.14
C MET B 85 12.87 38.32 15.57
N ALA B 86 12.95 39.38 16.35
CA ALA B 86 12.47 40.67 15.90
C ALA B 86 13.29 41.18 14.73
N LYS B 87 14.60 41.10 14.87
CA LYS B 87 15.55 41.57 13.85
C LYS B 87 15.58 40.69 12.60
N CYS B 88 15.41 39.35 12.77
CA CYS B 88 15.53 38.37 11.68
C CYS B 88 14.23 37.67 11.27
N GLN B 89 13.73 38.04 10.07
CA GLN B 89 12.53 37.49 9.45
C GLN B 89 12.86 37.16 8.00
N HIS B 90 12.69 35.89 7.62
CA HIS B 90 13.00 35.39 6.28
C HIS B 90 12.19 34.12 5.99
N GLU B 91 12.02 33.79 4.69
CA GLU B 91 11.32 32.60 4.18
C GLU B 91 11.90 31.28 4.75
N ASN B 92 13.21 31.29 5.12
CA ASN B 92 13.87 30.12 5.64
C ASN B 92 14.25 30.20 7.11
N LEU B 93 13.48 30.96 7.86
CA LEU B 93 13.62 31.12 9.29
C LEU B 93 12.27 30.95 9.91
N VAL B 94 12.17 30.38 11.09
CA VAL B 94 10.87 30.20 11.71
C VAL B 94 10.34 31.52 12.22
N GLU B 95 9.09 31.81 11.90
CA GLU B 95 8.42 33.02 12.37
C GLU B 95 7.92 32.88 13.80
N LEU B 96 8.15 33.90 14.62
CA LEU B 96 7.59 33.93 15.96
C LEU B 96 6.31 34.76 15.95
N LEU B 97 5.27 34.26 16.61
CA LEU B 97 3.97 34.92 16.57
C LEU B 97 3.72 35.75 17.81
N GLY B 98 4.21 35.25 18.95
CA GLY B 98 4.03 35.92 20.22
C GLY B 98 4.85 35.35 21.36
N PHE B 99 4.50 35.78 22.57
CA PHE B 99 5.18 35.41 23.81
C PHE B 99 4.25 35.68 24.99
N SER B 100 4.62 35.16 26.18
CA SER B 100 3.93 35.34 27.45
C SER B 100 4.96 35.61 28.55
N SER B 101 4.85 36.80 29.21
CA SER B 101 5.75 37.25 30.29
C SER B 101 5.01 37.50 31.63
N ASP B 102 3.69 37.75 31.57
CA ASP B 102 2.84 37.98 32.75
C ASP B 102 2.23 36.64 33.27
N GLY B 103 3.11 35.86 33.90
CA GLY B 103 2.77 34.56 34.48
C GLY B 103 3.88 34.00 35.33
N ASP B 104 3.77 32.71 35.68
CA ASP B 104 4.76 31.99 36.49
C ASP B 104 5.89 31.53 35.55
N ASP B 105 5.51 30.80 34.47
CA ASP B 105 6.40 30.23 33.45
C ASP B 105 6.45 31.09 32.19
N LEU B 106 7.59 31.03 31.47
CA LEU B 106 7.85 31.79 30.24
C LEU B 106 7.38 30.99 29.02
N CYS B 107 6.77 31.69 28.02
CA CYS B 107 6.20 31.05 26.83
C CYS B 107 6.50 31.77 25.52
N LEU B 108 6.83 31.00 24.48
CA LEU B 108 7.08 31.50 23.13
C LEU B 108 6.15 30.79 22.17
N VAL B 109 5.50 31.55 21.28
CA VAL B 109 4.55 31.01 20.30
C VAL B 109 5.10 31.15 18.89
N TYR B 110 5.14 30.04 18.14
CA TYR B 110 5.65 30.05 16.76
C TYR B 110 4.61 29.53 15.80
N VAL B 111 4.80 29.85 14.50
CA VAL B 111 4.02 29.32 13.38
C VAL B 111 4.35 27.82 13.46
N TYR B 112 3.31 26.98 13.50
CA TYR B 112 3.46 25.53 13.60
C TYR B 112 3.97 25.00 12.30
N MET B 113 4.97 24.12 12.39
CA MET B 113 5.65 23.48 11.27
C MET B 113 5.04 22.10 11.11
N PRO B 114 4.07 21.90 10.18
CA PRO B 114 3.36 20.61 10.12
C PRO B 114 4.23 19.38 9.87
N ASN B 115 5.45 19.57 9.32
CA ASN B 115 6.30 18.42 9.06
C ASN B 115 7.48 18.27 10.02
N GLY B 116 7.41 18.93 11.19
CA GLY B 116 8.43 18.91 12.24
C GLY B 116 9.86 19.15 11.80
N SER B 117 10.84 18.41 12.41
CA SER B 117 12.26 18.54 12.08
C SER B 117 12.78 17.59 11.02
N LEU B 118 13.87 18.01 10.36
CA LEU B 118 14.61 17.25 9.34
C LEU B 118 15.15 16.00 9.97
N LEU B 119 15.61 16.11 11.22
CA LEU B 119 16.11 15.04 12.06
C LEU B 119 15.11 13.89 12.11
N ASP B 120 13.83 14.18 12.44
CA ASP B 120 12.75 13.21 12.51
C ASP B 120 12.26 12.73 11.14
N ARG B 121 12.29 13.57 10.15
CA ARG B 121 11.92 13.16 8.80
C ARG B 121 13.00 12.31 8.14
N LEU B 122 14.26 12.40 8.56
CA LEU B 122 15.31 11.54 8.00
C LEU B 122 15.30 10.15 8.64
N SER B 123 14.88 10.07 9.91
CA SER B 123 14.77 8.82 10.65
C SER B 123 13.43 8.09 10.45
N CYS B 124 12.46 8.79 9.77
CA CYS B 124 11.07 8.43 9.45
C CYS B 124 10.26 8.18 10.71
N LEU B 125 10.55 9.00 11.74
CA LEU B 125 9.91 8.96 13.04
C LEU B 125 8.39 9.11 12.92
N ASP B 126 7.66 8.18 13.59
CA ASP B 126 6.21 8.04 13.63
C ASP B 126 5.61 7.55 12.29
N GLY B 127 6.45 6.96 11.47
CA GLY B 127 6.03 6.36 10.22
C GLY B 127 5.86 7.24 9.02
N THR B 128 6.45 8.44 9.03
CA THR B 128 6.41 9.33 7.89
C THR B 128 7.21 8.74 6.72
N PRO B 129 6.84 8.93 5.44
CA PRO B 129 7.65 8.30 4.38
C PRO B 129 9.05 8.93 4.19
N PRO B 130 10.01 8.17 3.63
CA PRO B 130 11.36 8.73 3.39
C PRO B 130 11.36 9.92 2.42
N LEU B 131 12.14 10.96 2.71
CA LEU B 131 12.28 12.12 1.83
C LEU B 131 13.09 11.72 0.61
N SER B 132 12.70 12.22 -0.54
CA SER B 132 13.34 11.90 -1.79
C SER B 132 14.58 12.75 -1.94
N TRP B 133 15.45 12.40 -2.88
CA TRP B 133 16.65 13.18 -3.15
C TRP B 133 16.27 14.59 -3.55
N HIS B 134 15.18 14.68 -4.35
CA HIS B 134 14.57 15.90 -4.83
C HIS B 134 14.16 16.80 -3.68
N MET B 135 13.39 16.27 -2.70
CA MET B 135 12.99 17.01 -1.51
C MET B 135 14.22 17.46 -0.70
N ARG B 136 15.17 16.54 -0.49
CA ARG B 136 16.44 16.77 0.22
C ARG B 136 17.30 17.92 -0.34
N CYS B 137 17.34 18.08 -1.65
CA CYS B 137 18.06 19.18 -2.27
C CYS B 137 17.37 20.52 -2.06
N LYS B 138 16.06 20.54 -2.13
CA LYS B 138 15.33 21.76 -1.87
C LYS B 138 15.55 22.20 -0.44
N ILE B 139 15.65 21.24 0.46
CA ILE B 139 15.80 21.49 1.87
C ILE B 139 17.18 22.04 2.20
N ALA B 140 18.20 21.49 1.55
CA ALA B 140 19.58 21.93 1.70
C ALA B 140 19.76 23.38 1.27
N GLN B 141 19.13 23.76 0.14
CA GLN B 141 19.17 25.11 -0.44
C GLN B 141 18.46 26.12 0.40
N GLY B 142 17.30 25.75 0.91
CA GLY B 142 16.54 26.61 1.80
C GLY B 142 17.28 26.81 3.08
N ALA B 143 17.79 25.72 3.68
CA ALA B 143 18.58 25.84 4.91
C ALA B 143 19.79 26.78 4.73
N ALA B 144 20.50 26.69 3.58
CA ALA B 144 21.62 27.58 3.26
C ALA B 144 21.21 29.05 3.07
N ASN B 145 20.02 29.30 2.50
CA ASN B 145 19.42 30.63 2.31
C ASN B 145 19.10 31.34 3.61
N GLY B 146 18.61 30.59 4.61
CA GLY B 146 18.33 31.14 5.94
C GLY B 146 19.60 31.43 6.71
N ILE B 147 20.65 30.60 6.52
CA ILE B 147 21.93 30.82 7.20
C ILE B 147 22.58 32.06 6.58
N ASN B 148 22.45 32.22 5.25
CA ASN B 148 22.96 33.37 4.52
C ASN B 148 22.32 34.66 4.99
N PHE B 149 21.01 34.64 5.24
CA PHE B 149 20.26 35.77 5.75
C PHE B 149 20.82 36.19 7.10
N LEU B 150 21.04 35.22 8.01
CA LEU B 150 21.56 35.43 9.35
C LEU B 150 22.96 36.03 9.34
N HIS B 151 23.85 35.50 8.48
CA HIS B 151 25.22 35.98 8.37
C HIS B 151 25.27 37.39 7.75
N GLU B 152 24.36 37.69 6.80
CA GLU B 152 24.22 39.02 6.17
C GLU B 152 23.72 40.05 7.20
N ASN B 153 22.98 39.58 8.21
CA ASN B 153 22.40 40.39 9.27
C ASN B 153 23.25 40.37 10.54
N HIS B 154 24.53 39.99 10.38
CA HIS B 154 25.60 39.92 11.38
C HIS B 154 25.18 39.12 12.62
N HIS B 155 24.74 37.88 12.38
CA HIS B 155 24.31 36.92 13.39
C HIS B 155 24.97 35.57 13.17
N ILE B 156 25.43 34.96 14.28
CA ILE B 156 26.00 33.62 14.33
C ILE B 156 24.93 32.80 15.04
N HIS B 157 24.42 31.74 14.39
CA HIS B 157 23.37 30.87 14.93
C HIS B 157 23.83 30.11 16.18
N ARG B 158 25.00 29.44 16.09
CA ARG B 158 25.69 28.65 17.12
C ARG B 158 25.05 27.27 17.42
N ASP B 159 23.93 26.92 16.79
CA ASP B 159 23.32 25.61 17.05
C ASP B 159 22.65 25.02 15.79
N ILE B 160 23.39 25.07 14.66
CA ILE B 160 22.95 24.51 13.38
C ILE B 160 23.09 23.00 13.48
N LYS B 161 21.96 22.32 13.36
CA LYS B 161 21.79 20.88 13.40
C LYS B 161 20.45 20.58 12.78
N SER B 162 20.22 19.31 12.34
CA SER B 162 18.98 18.89 11.70
C SER B 162 17.73 18.94 12.60
N ALA B 163 17.88 18.97 13.94
CA ALA B 163 16.75 19.09 14.88
C ALA B 163 16.30 20.57 14.90
N ASN B 164 17.19 21.48 14.42
CA ASN B 164 16.92 22.92 14.32
C ASN B 164 16.59 23.37 12.89
N ILE B 165 16.26 22.41 12.04
CA ILE B 165 15.79 22.69 10.67
C ILE B 165 14.39 22.12 10.62
N LEU B 166 13.41 23.00 10.60
CA LEU B 166 12.02 22.54 10.55
C LEU B 166 11.45 22.64 9.17
N LEU B 167 10.43 21.82 8.91
CA LEU B 167 9.77 21.68 7.62
C LEU B 167 8.29 22.06 7.70
N ASP B 168 7.90 23.01 6.83
CA ASP B 168 6.57 23.58 6.71
C ASP B 168 5.68 22.70 5.83
N GLU B 169 4.50 23.22 5.47
CA GLU B 169 3.46 22.56 4.69
C GLU B 169 3.91 22.09 3.27
N ALA B 170 5.03 22.61 2.79
CA ALA B 170 5.59 22.29 1.47
C ALA B 170 7.02 21.74 1.58
N PHE B 171 7.46 21.36 2.81
CA PHE B 171 8.82 20.90 3.15
C PHE B 171 9.85 22.00 2.84
N THR B 172 9.47 23.25 3.09
CA THR B 172 10.36 24.38 2.95
C THR B 172 11.10 24.39 4.27
N ALA B 173 12.43 24.43 4.18
CA ALA B 173 13.32 24.44 5.32
C ALA B 173 13.22 25.79 6.06
N LYS B 174 13.18 25.73 7.41
CA LYS B 174 13.08 26.88 8.29
C LYS B 174 14.03 26.68 9.48
N ILE B 175 15.13 27.49 9.53
CA ILE B 175 16.10 27.46 10.64
C ILE B 175 15.33 27.93 11.89
N SER B 176 15.45 27.18 12.99
CA SER B 176 14.83 27.46 14.28
C SER B 176 15.88 27.55 15.37
N ASP B 177 15.41 27.84 16.60
CA ASP B 177 16.17 27.93 17.85
C ASP B 177 17.30 28.95 17.82
N PHE B 178 16.89 30.20 18.10
CA PHE B 178 17.78 31.36 18.11
C PHE B 178 18.20 31.83 19.52
N GLY B 179 18.00 30.94 20.50
CA GLY B 179 18.36 31.17 21.91
C GLY B 179 19.84 31.38 22.15
N LEU B 180 20.70 30.70 21.34
CA LEU B 180 22.16 30.77 21.44
C LEU B 180 22.76 31.67 20.34
N ALA B 181 21.91 32.37 19.57
CA ALA B 181 22.37 33.25 18.50
C ALA B 181 23.02 34.53 19.03
N ARG B 182 24.15 34.94 18.40
CA ARG B 182 24.94 36.10 18.81
C ARG B 182 25.20 37.07 17.66
N ALA B 183 25.22 38.39 17.97
CA ALA B 183 25.48 39.46 17.01
C ALA B 183 26.96 39.80 16.92
N VAL B 191 36.35 36.68 18.77
CA VAL B 191 35.42 36.65 19.91
C VAL B 191 35.57 35.31 20.65
N MET B 192 35.63 35.36 22.01
CA MET B 192 35.79 34.18 22.88
C MET B 192 34.73 34.14 23.98
N TPO B 193 34.52 32.94 24.58
CA TPO B 193 33.57 32.71 25.67
CB TPO B 193 32.08 32.48 25.19
CG2 TPO B 193 31.82 31.15 24.42
OG1 TPO B 193 31.11 32.62 26.28
P TPO B 193 30.45 34.00 26.55
O1P TPO B 193 31.20 34.71 27.69
O2P TPO B 193 29.03 33.71 27.05
O3P TPO B 193 30.39 34.97 25.36
C TPO B 193 34.05 31.59 26.61
O TPO B 193 34.72 30.64 26.17
N SEP B 194 33.71 31.71 27.92
CA SEP B 194 34.03 30.73 28.96
CB SEP B 194 34.21 31.43 30.34
OG SEP B 194 32.97 32.08 30.80
C SEP B 194 32.95 29.64 29.03
O SEP B 194 33.24 28.52 29.48
P SEP B 194 33.17 33.23 31.83
O1P SEP B 194 33.82 32.73 33.12
O2P SEP B 194 31.80 33.79 32.20
O3P SEP B 194 33.98 34.38 31.20
N ARG B 195 31.71 29.99 28.59
CA ARG B 195 30.55 29.10 28.56
C ARG B 195 30.29 28.57 27.14
N ILE B 196 30.94 27.43 26.81
CA ILE B 196 30.86 26.75 25.51
C ILE B 196 29.53 25.99 25.42
N VAL B 197 28.67 26.41 24.48
CA VAL B 197 27.35 25.84 24.24
C VAL B 197 27.11 25.51 22.76
N GLY B 198 26.42 24.39 22.54
CA GLY B 198 26.10 23.86 21.23
C GLY B 198 25.90 22.36 21.28
N THR B 199 25.80 21.73 20.10
CA THR B 199 25.65 20.27 20.01
C THR B 199 26.96 19.69 19.49
N THR B 200 27.66 19.01 20.40
CA THR B 200 29.03 18.50 20.32
C THR B 200 29.35 17.76 18.99
N ALA B 201 28.46 16.88 18.47
CA ALA B 201 28.61 16.11 17.23
C ALA B 201 28.52 16.97 15.95
N TYR B 202 28.14 18.24 16.09
CA TYR B 202 27.98 19.19 15.00
C TYR B 202 28.98 20.33 15.11
N MET B 203 29.68 20.45 16.25
CA MET B 203 30.60 21.53 16.57
C MET B 203 31.98 21.45 15.94
N ALA B 204 32.43 22.64 15.51
CA ALA B 204 33.73 22.89 14.90
C ALA B 204 34.78 22.85 15.99
N PRO B 205 36.00 22.32 15.68
CA PRO B 205 37.05 22.27 16.70
C PRO B 205 37.28 23.60 17.46
N GLU B 206 37.27 24.75 16.75
CA GLU B 206 37.44 26.06 17.40
C GLU B 206 36.24 26.50 18.25
N ALA B 207 35.02 26.10 17.87
CA ALA B 207 33.81 26.40 18.64
C ALA B 207 33.87 25.64 19.97
N LEU B 208 34.46 24.41 19.94
CA LEU B 208 34.69 23.55 21.10
C LEU B 208 35.76 24.19 22.04
N ARG B 209 36.58 25.10 21.49
CA ARG B 209 37.62 25.87 22.20
C ARG B 209 37.13 27.20 22.76
N GLY B 210 35.93 27.64 22.38
CA GLY B 210 35.35 28.89 22.88
C GLY B 210 35.24 30.02 21.88
N GLU B 211 35.75 29.82 20.65
CA GLU B 211 35.65 30.84 19.60
C GLU B 211 34.21 30.97 19.09
N ILE B 212 33.75 32.22 18.93
CA ILE B 212 32.43 32.51 18.39
C ILE B 212 32.66 33.09 17.00
N THR B 213 32.37 32.29 15.97
CA THR B 213 32.61 32.74 14.59
C THR B 213 31.53 32.22 13.62
N PRO B 214 31.13 33.01 12.60
CA PRO B 214 30.16 32.50 11.62
C PRO B 214 30.68 31.28 10.85
N LYS B 215 32.00 31.00 10.92
CA LYS B 215 32.67 29.89 10.24
C LYS B 215 32.36 28.56 10.92
N SER B 216 32.00 28.60 12.20
CA SER B 216 31.64 27.43 13.00
C SER B 216 30.28 26.87 12.53
N ASP B 217 29.37 27.77 12.08
CA ASP B 217 28.03 27.52 11.54
C ASP B 217 28.12 26.75 10.21
N ILE B 218 29.10 27.10 9.36
CA ILE B 218 29.39 26.44 8.08
C ILE B 218 29.73 24.97 8.31
N TYR B 219 30.61 24.73 9.30
CA TYR B 219 31.04 23.40 9.72
C TYR B 219 29.82 22.55 10.14
N SER B 220 28.95 23.10 11.01
CA SER B 220 27.73 22.47 11.49
C SER B 220 26.79 22.13 10.35
N PHE B 221 26.69 23.02 9.36
CA PHE B 221 25.91 22.83 8.15
C PHE B 221 26.45 21.65 7.29
N GLY B 222 27.76 21.44 7.31
CA GLY B 222 28.43 20.34 6.63
C GLY B 222 28.04 18.98 7.20
N VAL B 223 27.82 18.92 8.52
CA VAL B 223 27.37 17.72 9.24
C VAL B 223 25.94 17.41 8.82
N VAL B 224 25.12 18.47 8.70
CA VAL B 224 23.74 18.47 8.25
C VAL B 224 23.65 17.96 6.80
N LEU B 225 24.58 18.34 5.93
CA LEU B 225 24.58 17.85 4.56
C LEU B 225 24.91 16.37 4.47
N LEU B 226 25.71 15.86 5.40
CA LEU B 226 26.07 14.44 5.51
C LEU B 226 24.86 13.66 6.02
N GLU B 227 24.07 14.25 6.93
CA GLU B 227 22.82 13.67 7.42
C GLU B 227 21.80 13.52 6.31
N ILE B 228 21.72 14.54 5.43
CA ILE B 228 20.85 14.60 4.27
C ILE B 228 21.23 13.52 3.24
N ILE B 229 22.56 13.24 3.04
CA ILE B 229 23.00 12.23 2.05
C ILE B 229 22.84 10.80 2.54
N THR B 230 23.17 10.60 3.80
CA THR B 230 23.26 9.29 4.44
C THR B 230 22.02 8.85 5.16
N GLY B 231 21.21 9.80 5.62
CA GLY B 231 20.03 9.52 6.43
C GLY B 231 20.36 9.00 7.81
N LEU B 232 21.65 9.17 8.23
CA LEU B 232 22.18 8.69 9.50
C LEU B 232 22.29 9.83 10.50
N PRO B 233 22.04 9.59 11.80
CA PRO B 233 22.23 10.66 12.81
C PRO B 233 23.72 11.05 12.98
N ALA B 234 24.00 12.31 13.39
CA ALA B 234 25.38 12.81 13.57
C ALA B 234 26.23 11.98 14.58
N VAL B 235 25.55 11.33 15.52
CA VAL B 235 26.16 10.48 16.51
C VAL B 235 25.25 9.27 16.82
N ASP B 236 25.85 8.09 16.84
CA ASP B 236 25.21 6.83 17.20
C ASP B 236 26.24 5.99 17.95
N GLU B 237 25.99 5.74 19.26
CA GLU B 237 26.88 4.96 20.13
C GLU B 237 27.06 3.51 19.64
N HIS B 238 26.00 2.92 19.04
CA HIS B 238 26.05 1.56 18.49
C HIS B 238 26.32 1.65 16.97
N ARG B 239 27.48 2.17 16.60
CA ARG B 239 27.82 2.34 15.21
C ARG B 239 29.30 2.54 15.00
N GLU B 240 29.78 2.28 13.79
CA GLU B 240 31.17 2.50 13.47
C GLU B 240 31.30 3.09 12.06
N PRO B 241 31.81 4.39 11.90
CA PRO B 241 32.20 5.11 13.14
C PRO B 241 31.01 5.72 13.87
N GLN B 242 31.22 6.15 15.10
CA GLN B 242 30.15 6.72 15.94
C GLN B 242 29.77 8.13 15.53
N LEU B 243 30.72 8.90 15.00
CA LEU B 243 30.48 10.25 14.53
C LEU B 243 30.43 10.27 13.03
N LEU B 244 29.33 10.82 12.48
CA LEU B 244 29.11 10.93 11.05
C LEU B 244 30.19 11.70 10.29
N LEU B 245 30.76 12.79 10.89
CA LEU B 245 31.80 13.60 10.25
C LEU B 245 33.10 12.76 9.99
N ASP B 246 33.29 11.64 10.70
CA ASP B 246 34.43 10.74 10.53
C ASP B 246 34.43 9.99 9.19
N ILE B 247 33.25 9.85 8.54
CA ILE B 247 33.09 9.19 7.24
C ILE B 247 33.82 9.98 6.14
N LYS B 248 34.05 11.25 6.38
CA LYS B 248 34.83 12.07 5.46
C LYS B 248 36.24 11.53 5.43
N GLU B 249 36.63 10.91 6.54
CA GLU B 249 37.90 10.26 6.72
C GLU B 249 38.00 9.02 5.87
N GLU B 250 37.05 8.11 6.08
CA GLU B 250 37.03 6.86 5.36
C GLU B 250 37.00 7.04 3.86
N ILE B 251 36.35 8.09 3.39
CA ILE B 251 36.25 8.28 1.96
C ILE B 251 37.54 8.84 1.39
N GLU B 252 38.19 9.71 2.15
CA GLU B 252 39.45 10.33 1.75
C GLU B 252 40.59 9.32 1.73
N ASP B 253 40.53 8.35 2.63
CA ASP B 253 41.57 7.35 2.76
C ASP B 253 41.13 6.05 2.08
N GLU B 254 40.18 6.22 1.19
CA GLU B 254 39.63 5.22 0.26
C GLU B 254 39.21 3.87 0.91
N GLU B 255 38.86 3.93 2.21
CA GLU B 255 38.38 2.77 2.98
C GLU B 255 36.94 2.42 2.55
N LYS B 256 36.17 3.48 2.21
CA LYS B 256 34.76 3.45 1.80
C LYS B 256 34.54 4.48 0.69
N THR B 257 33.39 4.39 0.00
CA THR B 257 32.99 5.33 -1.04
C THR B 257 31.73 6.08 -0.58
N ILE B 258 31.38 7.19 -1.25
CA ILE B 258 30.17 7.91 -0.90
C ILE B 258 28.94 7.07 -1.28
N GLU B 259 29.05 6.24 -2.36
CA GLU B 259 28.02 5.30 -2.81
C GLU B 259 27.65 4.30 -1.72
N ASP B 260 28.64 3.90 -0.89
CA ASP B 260 28.44 2.98 0.22
C ASP B 260 27.63 3.65 1.33
N TYR B 261 27.65 5.00 1.37
CA TYR B 261 27.02 5.76 2.44
C TYR B 261 25.70 6.46 2.08
N ILE B 262 25.33 6.56 0.78
CA ILE B 262 24.07 7.16 0.31
C ILE B 262 22.89 6.45 1.00
N ASP B 263 21.88 7.23 1.44
CA ASP B 263 20.67 6.71 2.06
C ASP B 263 19.93 5.77 1.08
N LYS B 264 19.84 4.49 1.47
CA LYS B 264 19.18 3.42 0.73
C LYS B 264 17.64 3.59 0.69
N LYS B 265 17.10 4.48 1.53
CA LYS B 265 15.69 4.83 1.58
C LYS B 265 15.28 5.86 0.50
N MET B 266 15.98 5.93 -0.63
CA MET B 266 15.70 6.80 -1.76
C MET B 266 15.72 5.95 -3.04
N ASN B 267 15.01 6.37 -4.07
CA ASN B 267 14.99 5.68 -5.39
C ASN B 267 15.39 6.63 -6.52
N ASP B 268 15.56 7.93 -6.21
CA ASP B 268 15.81 8.99 -7.18
C ASP B 268 17.16 9.73 -7.03
N ALA B 269 18.09 9.21 -6.24
CA ALA B 269 19.40 9.84 -6.07
C ALA B 269 20.34 9.49 -7.24
N ASP B 270 20.98 10.50 -7.81
CA ASP B 270 21.94 10.29 -8.88
C ASP B 270 23.34 10.58 -8.36
N SER B 271 24.32 9.81 -8.86
CA SER B 271 25.74 9.92 -8.48
C SER B 271 26.28 11.34 -8.53
N THR B 272 26.04 12.06 -9.63
CA THR B 272 26.52 13.42 -9.88
C THR B 272 26.05 14.42 -8.84
N SER B 273 24.75 14.55 -8.58
CA SER B 273 24.29 15.54 -7.58
C SER B 273 24.62 15.09 -6.15
N VAL B 274 24.73 13.78 -5.89
CA VAL B 274 25.11 13.26 -4.57
C VAL B 274 26.59 13.59 -4.29
N GLU B 275 27.45 13.42 -5.32
CA GLU B 275 28.88 13.76 -5.27
C GLU B 275 29.08 15.27 -5.08
N ALA B 276 28.26 16.05 -5.76
CA ALA B 276 28.25 17.51 -5.70
C ALA B 276 27.86 18.04 -4.30
N MET B 277 26.85 17.43 -3.64
CA MET B 277 26.48 17.82 -2.27
C MET B 277 27.54 17.35 -1.27
N TYR B 278 28.14 16.17 -1.52
CA TYR B 278 29.21 15.64 -0.67
C TYR B 278 30.43 16.57 -0.71
N SER B 279 30.73 17.12 -1.90
CA SER B 279 31.83 18.06 -2.11
C SER B 279 31.59 19.37 -1.34
N VAL B 280 30.34 19.84 -1.23
CA VAL B 280 30.00 21.02 -0.44
C VAL B 280 30.21 20.69 1.04
N ALA B 281 29.72 19.53 1.50
CA ALA B 281 29.84 19.05 2.88
C ALA B 281 31.29 18.92 3.29
N SER B 282 32.11 18.27 2.42
CA SER B 282 33.55 18.06 2.58
C SER B 282 34.29 19.39 2.78
N GLN B 283 33.96 20.41 1.98
CA GLN B 283 34.56 21.75 2.07
C GLN B 283 34.19 22.46 3.38
N CYS B 284 32.92 22.34 3.80
CA CYS B 284 32.33 22.91 5.02
C CYS B 284 33.04 22.34 6.24
N LEU B 285 33.47 21.07 6.15
CA LEU B 285 34.06 20.28 7.24
C LEU B 285 35.59 20.34 7.36
N HIS B 286 36.23 21.32 6.68
CA HIS B 286 37.66 21.57 6.81
C HIS B 286 37.98 21.91 8.28
N GLU B 287 39.09 21.37 8.80
CA GLU B 287 39.52 21.56 10.19
C GLU B 287 39.99 22.99 10.47
N LYS B 288 40.50 23.66 9.43
CA LYS B 288 40.94 25.06 9.47
C LYS B 288 39.76 25.94 9.05
N LYS B 289 39.23 26.72 10.02
CA LYS B 289 38.08 27.62 9.84
C LYS B 289 38.17 28.58 8.63
N ASN B 290 39.37 29.02 8.26
CA ASN B 290 39.58 29.94 7.15
C ASN B 290 39.61 29.28 5.77
N LYS B 291 39.79 27.96 5.74
CA LYS B 291 39.82 27.20 4.50
C LYS B 291 38.41 26.75 4.07
N ARG B 292 37.42 26.94 4.97
CA ARG B 292 36.00 26.65 4.74
C ARG B 292 35.39 27.70 3.81
N PRO B 293 34.38 27.36 2.98
CA PRO B 293 33.75 28.41 2.18
C PRO B 293 32.79 29.24 3.05
N ASP B 294 32.50 30.48 2.64
CA ASP B 294 31.52 31.30 3.35
C ASP B 294 30.13 30.83 2.85
N ILE B 295 29.06 31.20 3.55
CA ILE B 295 27.69 30.76 3.21
C ILE B 295 27.24 31.16 1.77
N LYS B 296 27.71 32.31 1.25
CA LYS B 296 27.37 32.76 -0.11
C LYS B 296 27.92 31.79 -1.15
N LYS B 297 29.12 31.24 -0.90
CA LYS B 297 29.76 30.23 -1.75
C LYS B 297 29.02 28.88 -1.61
N VAL B 298 28.59 28.54 -0.38
CA VAL B 298 27.83 27.32 -0.06
C VAL B 298 26.51 27.32 -0.86
N GLN B 299 25.80 28.45 -0.83
CA GLN B 299 24.54 28.75 -1.53
C GLN B 299 24.71 28.59 -3.04
N GLN B 300 25.78 29.19 -3.60
CA GLN B 300 26.17 29.18 -5.00
C GLN B 300 26.43 27.74 -5.47
N LEU B 301 27.20 26.97 -4.69
CA LEU B 301 27.56 25.58 -4.98
C LEU B 301 26.34 24.64 -4.96
N LEU B 302 25.40 24.86 -4.06
CA LEU B 302 24.22 24.01 -3.98
C LEU B 302 23.27 24.33 -5.12
N GLN B 303 23.38 25.55 -5.63
CA GLN B 303 22.59 25.98 -6.76
C GLN B 303 23.06 25.33 -8.03
N GLU B 304 24.37 25.19 -8.18
CA GLU B 304 24.95 24.57 -9.36
C GLU B 304 24.68 23.07 -9.38
N MET B 305 24.40 22.52 -8.21
CA MET B 305 24.12 21.09 -8.05
C MET B 305 22.79 20.71 -8.73
N THR B 306 21.81 21.63 -8.71
CA THR B 306 20.48 21.44 -9.28
C THR B 306 20.27 22.20 -10.63
N ALA B 307 21.33 22.81 -11.18
CA ALA B 307 21.27 23.54 -12.45
C ALA B 307 21.46 22.61 -13.66
N ARG C 12 3.26 -30.10 -14.43
CA ARG C 12 2.35 -29.10 -13.89
C ARG C 12 2.96 -27.70 -13.90
N PHE C 13 4.26 -27.63 -14.14
CA PHE C 13 4.96 -26.37 -14.25
C PHE C 13 5.40 -26.11 -15.69
N HIS C 14 5.35 -24.85 -16.10
CA HIS C 14 5.74 -24.42 -17.45
C HIS C 14 7.24 -24.65 -17.70
N SER C 15 7.60 -25.44 -18.72
CA SER C 15 9.02 -25.61 -19.04
C SER C 15 9.41 -24.53 -20.04
N PHE C 16 10.30 -23.62 -19.60
CA PHE C 16 10.80 -22.50 -20.38
C PHE C 16 12.12 -22.86 -20.95
N SER C 17 12.45 -22.28 -22.09
CA SER C 17 13.77 -22.45 -22.65
C SER C 17 14.58 -21.25 -22.11
N PHE C 18 15.90 -21.38 -22.05
CA PHE C 18 16.76 -20.29 -21.59
C PHE C 18 16.58 -19.02 -22.45
N TYR C 19 16.49 -19.19 -23.83
CA TYR C 19 16.30 -18.09 -24.78
C TYR C 19 15.08 -17.24 -24.42
N GLU C 20 13.98 -17.89 -24.02
CA GLU C 20 12.73 -17.25 -23.65
C GLU C 20 12.95 -16.28 -22.50
N LEU C 21 13.64 -16.75 -21.44
CA LEU C 21 13.92 -15.98 -20.22
C LEU C 21 14.99 -14.93 -20.42
N LYS C 22 15.94 -15.21 -21.34
CA LYS C 22 17.00 -14.30 -21.72
C LYS C 22 16.40 -13.03 -22.34
N ASN C 23 15.46 -13.20 -23.25
CA ASN C 23 14.78 -12.11 -23.98
C ASN C 23 13.80 -11.30 -23.14
N VAL C 24 13.25 -11.94 -22.12
CA VAL C 24 12.24 -11.42 -21.20
C VAL C 24 12.86 -10.53 -20.10
N THR C 25 14.13 -10.78 -19.77
CA THR C 25 14.89 -10.08 -18.74
C THR C 25 15.90 -9.05 -19.30
N ASN C 26 15.79 -8.68 -20.61
CA ASN C 26 16.71 -7.77 -21.31
C ASN C 26 18.13 -8.34 -21.22
N ASN C 27 18.26 -9.63 -21.55
CA ASN C 27 19.48 -10.45 -21.52
C ASN C 27 20.14 -10.56 -20.12
N PHE C 28 19.33 -10.79 -19.07
CA PHE C 28 19.77 -10.91 -17.68
C PHE C 28 20.56 -9.65 -17.22
N ASP C 29 19.91 -8.49 -17.35
CA ASP C 29 20.44 -7.17 -17.00
C ASP C 29 20.62 -7.01 -15.49
N GLU C 30 21.87 -7.12 -15.05
CA GLU C 30 22.16 -7.00 -13.65
C GLU C 30 22.12 -5.57 -13.09
N ARG C 31 21.60 -4.62 -13.85
CA ARG C 31 21.41 -3.24 -13.39
C ARG C 31 20.13 -3.18 -12.55
N PRO C 32 20.00 -2.29 -11.56
CA PRO C 32 18.72 -2.29 -10.84
C PRO C 32 17.51 -1.83 -11.64
N ILE C 33 16.35 -2.38 -11.28
CA ILE C 33 15.07 -2.05 -11.92
C ILE C 33 14.70 -0.57 -11.73
N SER C 34 15.37 0.11 -10.79
CA SER C 34 15.20 1.54 -10.49
C SER C 34 15.94 2.40 -11.54
N VAL C 35 17.05 1.85 -12.07
CA VAL C 35 18.00 2.42 -13.04
C VAL C 35 17.58 2.12 -14.51
N GLY C 36 16.70 1.14 -14.70
CA GLY C 36 16.22 0.70 -16.01
C GLY C 36 16.68 -0.71 -16.35
N GLY C 37 17.42 -1.31 -15.42
CA GLY C 37 17.93 -2.68 -15.51
C GLY C 37 16.89 -3.70 -15.08
N ASN C 38 17.33 -4.97 -14.86
CA ASN C 38 16.39 -6.04 -14.47
C ASN C 38 16.67 -6.71 -13.10
N LYS C 39 17.76 -6.36 -12.40
CA LYS C 39 18.06 -6.92 -11.10
C LYS C 39 17.15 -6.40 -10.00
N MET C 40 16.52 -7.33 -9.28
CA MET C 40 15.65 -6.99 -8.15
C MET C 40 16.38 -7.29 -6.83
N GLY C 41 17.17 -8.35 -6.83
CA GLY C 41 17.92 -8.75 -5.66
C GLY C 41 18.84 -9.91 -5.91
N GLU C 42 19.21 -10.58 -4.82
CA GLU C 42 20.15 -11.70 -4.81
C GLU C 42 19.94 -12.57 -3.62
N GLY C 43 20.12 -13.86 -3.84
CA GLY C 43 20.11 -14.90 -2.83
C GLY C 43 21.50 -15.54 -2.79
N GLY C 44 21.69 -16.54 -1.93
CA GLY C 44 22.94 -17.28 -1.81
C GLY C 44 23.18 -18.18 -3.00
N PHE C 45 22.11 -18.52 -3.73
CA PHE C 45 22.18 -19.39 -4.88
C PHE C 45 21.87 -18.70 -6.21
N GLY C 46 21.57 -17.42 -6.20
CA GLY C 46 21.35 -16.72 -7.46
C GLY C 46 20.76 -15.33 -7.42
N VAL C 47 20.97 -14.62 -8.53
CA VAL C 47 20.42 -13.28 -8.76
C VAL C 47 18.95 -13.42 -9.18
N VAL C 48 18.10 -12.51 -8.70
CA VAL C 48 16.68 -12.47 -9.05
C VAL C 48 16.42 -11.31 -10.01
N TYR C 49 15.93 -11.64 -11.19
CA TYR C 49 15.61 -10.64 -12.21
C TYR C 49 14.14 -10.47 -12.45
N LYS C 50 13.72 -9.28 -12.88
CA LYS C 50 12.35 -8.94 -13.27
C LYS C 50 12.23 -9.36 -14.73
N GLY C 51 11.15 -10.05 -15.02
CA GLY C 51 10.81 -10.53 -16.36
C GLY C 51 9.39 -10.17 -16.70
N TYR C 52 9.10 -10.08 -17.99
CA TYR C 52 7.77 -9.76 -18.48
C TYR C 52 7.47 -10.77 -19.58
N VAL C 53 6.59 -11.72 -19.29
CA VAL C 53 6.27 -12.80 -20.20
C VAL C 53 4.78 -12.88 -20.38
N ASN C 54 4.31 -12.68 -21.60
CA ASN C 54 2.91 -12.90 -21.88
C ASN C 54 2.02 -12.04 -21.00
N ASN C 55 2.35 -10.76 -20.87
CA ASN C 55 1.51 -9.82 -20.15
C ASN C 55 1.58 -10.02 -18.65
N THR C 56 2.51 -10.87 -18.24
CA THR C 56 2.75 -11.21 -16.83
C THR C 56 4.16 -10.82 -16.41
N THR C 57 4.27 -10.05 -15.32
CA THR C 57 5.55 -9.70 -14.73
C THR C 57 5.89 -10.85 -13.79
N VAL C 58 7.10 -11.39 -13.94
CA VAL C 58 7.61 -12.55 -13.20
C VAL C 58 8.95 -12.23 -12.49
N ALA C 59 9.34 -13.15 -11.62
CA ALA C 59 10.60 -13.13 -10.89
C ALA C 59 11.36 -14.31 -11.44
N VAL C 60 12.54 -14.09 -11.99
CA VAL C 60 13.36 -15.19 -12.51
C VAL C 60 14.65 -15.31 -11.72
N LYS C 61 14.91 -16.48 -11.12
CA LYS C 61 16.15 -16.73 -10.42
C LYS C 61 17.05 -17.54 -11.30
N LYS C 62 18.18 -16.93 -11.71
CA LYS C 62 19.20 -17.61 -12.48
C LYS C 62 20.17 -18.18 -11.43
N LEU C 63 20.29 -19.51 -11.36
CA LEU C 63 21.13 -20.19 -10.37
C LEU C 63 22.62 -20.12 -10.70
N ALA C 64 23.46 -19.91 -9.64
CA ALA C 64 24.92 -19.78 -9.71
C ALA C 64 25.62 -20.38 -8.48
N ILE C 69 29.83 -24.38 -5.00
CA ILE C 69 29.52 -25.80 -4.94
C ILE C 69 29.47 -26.43 -6.35
N THR C 70 29.60 -27.78 -6.43
CA THR C 70 29.63 -28.58 -7.66
C THR C 70 28.36 -28.43 -8.51
N THR C 71 28.50 -28.58 -9.83
CA THR C 71 27.42 -28.56 -10.83
C THR C 71 26.34 -29.64 -10.51
N GLU C 72 26.77 -30.81 -9.99
CA GLU C 72 25.89 -31.93 -9.61
C GLU C 72 25.23 -31.73 -8.23
N GLU C 73 25.73 -30.75 -7.44
CA GLU C 73 25.19 -30.40 -6.12
C GLU C 73 24.21 -29.22 -6.17
N LEU C 74 24.43 -28.28 -7.12
CA LEU C 74 23.56 -27.12 -7.37
C LEU C 74 22.25 -27.57 -8.06
N LYS C 75 22.28 -28.72 -8.76
CA LYS C 75 21.13 -29.33 -9.43
C LYS C 75 20.10 -29.78 -8.38
N GLN C 76 20.56 -30.31 -7.22
CA GLN C 76 19.71 -30.79 -6.11
C GLN C 76 18.96 -29.66 -5.41
N GLN C 77 19.51 -28.46 -5.43
CA GLN C 77 18.82 -27.27 -4.91
C GLN C 77 17.65 -26.90 -5.80
N PHE C 78 17.96 -26.77 -7.09
CA PHE C 78 16.98 -26.51 -8.13
C PHE C 78 15.83 -27.53 -8.05
N ASP C 79 16.19 -28.82 -7.86
CA ASP C 79 15.27 -29.97 -7.78
C ASP C 79 14.39 -29.98 -6.55
N GLN C 80 14.97 -29.59 -5.40
CA GLN C 80 14.30 -29.53 -4.11
C GLN C 80 13.25 -28.42 -4.13
N GLU C 81 13.55 -27.27 -4.81
CA GLU C 81 12.59 -26.15 -4.98
C GLU C 81 11.38 -26.64 -5.77
N ILE C 82 11.62 -27.43 -6.86
CA ILE C 82 10.56 -27.99 -7.71
C ILE C 82 9.74 -29.05 -6.96
N LYS C 83 10.42 -30.01 -6.29
CA LYS C 83 9.82 -31.12 -5.52
C LYS C 83 8.87 -30.60 -4.44
N VAL C 84 9.31 -29.59 -3.66
CA VAL C 84 8.55 -29.01 -2.56
C VAL C 84 7.38 -28.17 -3.11
N MET C 85 7.63 -27.30 -4.10
CA MET C 85 6.61 -26.43 -4.71
C MET C 85 5.50 -27.22 -5.44
N ALA C 86 5.81 -28.43 -5.93
CA ALA C 86 4.83 -29.38 -6.52
C ALA C 86 3.84 -29.89 -5.43
N LYS C 87 4.36 -30.29 -4.27
CA LYS C 87 3.59 -30.81 -3.13
C LYS C 87 2.91 -29.73 -2.28
N CYS C 88 3.52 -28.52 -2.18
CA CYS C 88 3.06 -27.43 -1.31
C CYS C 88 2.52 -26.20 -2.07
N GLN C 89 1.20 -26.01 -2.01
CA GLN C 89 0.50 -24.88 -2.62
C GLN C 89 -0.45 -24.29 -1.58
N HIS C 90 -0.23 -23.03 -1.23
CA HIS C 90 -1.03 -22.31 -0.25
C HIS C 90 -0.99 -20.81 -0.55
N GLU C 91 -1.96 -20.04 -0.10
CA GLU C 91 -1.99 -18.58 -0.29
C GLU C 91 -0.77 -17.87 0.36
N ASN C 92 -0.23 -18.44 1.41
CA ASN C 92 0.87 -17.89 2.19
C ASN C 92 2.25 -18.49 1.85
N LEU C 93 2.35 -19.14 0.70
CA LEU C 93 3.59 -19.66 0.14
C LEU C 93 3.74 -19.04 -1.24
N VAL C 94 4.96 -18.85 -1.73
CA VAL C 94 5.18 -18.34 -3.08
C VAL C 94 4.90 -19.47 -4.06
N GLU C 95 4.27 -19.13 -5.16
CA GLU C 95 3.93 -20.04 -6.22
C GLU C 95 4.98 -20.02 -7.34
N LEU C 96 5.46 -21.20 -7.70
CA LEU C 96 6.38 -21.42 -8.80
C LEU C 96 5.54 -21.54 -10.09
N LEU C 97 5.95 -20.83 -11.14
CA LEU C 97 5.25 -20.85 -12.43
C LEU C 97 5.90 -21.76 -13.43
N GLY C 98 7.23 -21.83 -13.35
CA GLY C 98 8.01 -22.65 -14.25
C GLY C 98 9.47 -22.73 -13.91
N PHE C 99 10.23 -23.25 -14.86
CA PHE C 99 11.65 -23.48 -14.73
C PHE C 99 12.30 -23.55 -16.11
N SER C 100 13.62 -23.54 -16.13
CA SER C 100 14.45 -23.68 -17.31
C SER C 100 15.66 -24.52 -16.87
N SER C 101 15.96 -25.59 -17.63
CA SER C 101 17.08 -26.49 -17.33
C SER C 101 17.92 -26.80 -18.59
N ASP C 102 17.57 -26.16 -19.72
CA ASP C 102 18.25 -26.34 -21.00
C ASP C 102 19.64 -25.68 -21.01
N GLY C 103 20.68 -26.52 -21.07
CA GLY C 103 22.07 -26.11 -21.09
C GLY C 103 22.78 -26.27 -19.76
N ASP C 104 23.81 -25.43 -19.54
CA ASP C 104 24.65 -25.40 -18.32
C ASP C 104 24.01 -24.52 -17.24
N ASP C 105 23.03 -23.67 -17.61
CA ASP C 105 22.31 -22.76 -16.70
C ASP C 105 20.95 -23.31 -16.20
N LEU C 106 20.55 -22.86 -14.99
CA LEU C 106 19.30 -23.26 -14.33
C LEU C 106 18.51 -22.04 -13.89
N CYS C 107 17.23 -21.97 -14.28
CA CYS C 107 16.35 -20.83 -13.95
C CYS C 107 15.03 -21.29 -13.33
N LEU C 108 14.54 -20.52 -12.35
CA LEU C 108 13.26 -20.76 -11.70
C LEU C 108 12.42 -19.51 -11.85
N VAL C 109 11.17 -19.67 -12.30
CA VAL C 109 10.26 -18.57 -12.58
C VAL C 109 9.13 -18.57 -11.55
N TYR C 110 8.84 -17.41 -10.98
CA TYR C 110 7.86 -17.25 -9.92
C TYR C 110 6.88 -16.13 -10.15
N VAL C 111 5.73 -16.23 -9.45
CA VAL C 111 4.72 -15.19 -9.39
C VAL C 111 5.48 -14.04 -8.69
N TYR C 112 5.63 -12.92 -9.41
CA TYR C 112 6.26 -11.68 -8.97
C TYR C 112 5.54 -11.11 -7.75
N MET C 113 6.31 -10.67 -6.76
CA MET C 113 5.73 -10.09 -5.56
C MET C 113 5.92 -8.57 -5.64
N PRO C 114 4.84 -7.80 -5.84
CA PRO C 114 4.99 -6.34 -6.02
C PRO C 114 5.67 -5.56 -4.89
N ASN C 115 5.56 -6.07 -3.65
CA ASN C 115 6.14 -5.43 -2.51
C ASN C 115 7.45 -6.07 -2.00
N GLY C 116 8.09 -6.95 -2.80
CA GLY C 116 9.34 -7.64 -2.47
C GLY C 116 9.38 -8.34 -1.11
N SER C 117 10.52 -8.27 -0.38
CA SER C 117 10.69 -8.90 0.92
C SER C 117 10.38 -8.01 2.13
N LEU C 118 10.02 -8.65 3.25
CA LEU C 118 9.78 -8.03 4.55
C LEU C 118 11.02 -7.32 5.00
N LEU C 119 12.19 -7.88 4.71
CA LEU C 119 13.47 -7.32 5.01
C LEU C 119 13.61 -5.92 4.42
N ASP C 120 13.34 -5.79 3.10
CA ASP C 120 13.39 -4.54 2.36
C ASP C 120 12.31 -3.56 2.78
N ARG C 121 11.14 -4.06 3.14
CA ARG C 121 10.06 -3.19 3.59
C ARG C 121 10.27 -2.71 5.02
N LEU C 122 11.05 -3.44 5.84
CA LEU C 122 11.34 -2.99 7.20
C LEU C 122 12.43 -1.94 7.22
N SER C 123 13.35 -2.00 6.24
CA SER C 123 14.44 -1.03 6.10
C SER C 123 14.06 0.20 5.25
N CYS C 124 12.86 0.18 4.66
CA CYS C 124 12.23 1.15 3.75
C CYS C 124 13.07 1.37 2.47
N LEU C 125 13.67 0.30 2.00
CA LEU C 125 14.56 0.30 0.83
C LEU C 125 13.83 0.80 -0.40
N ASP C 126 14.46 1.74 -1.11
CA ASP C 126 13.98 2.41 -2.33
C ASP C 126 12.83 3.41 -2.04
N GLY C 127 12.75 3.83 -0.78
CA GLY C 127 11.80 4.84 -0.35
C GLY C 127 10.38 4.42 -0.09
N THR C 128 10.14 3.11 0.14
CA THR C 128 8.81 2.63 0.45
C THR C 128 8.40 3.16 1.86
N PRO C 129 7.13 3.47 2.15
CA PRO C 129 6.83 3.95 3.50
C PRO C 129 6.95 2.88 4.61
N PRO C 130 7.19 3.28 5.87
CA PRO C 130 7.27 2.28 6.96
C PRO C 130 5.96 1.51 7.16
N LEU C 131 6.04 0.19 7.38
CA LEU C 131 4.84 -0.63 7.61
C LEU C 131 4.25 -0.27 8.94
N SER C 132 2.94 -0.14 9.01
CA SER C 132 2.29 0.17 10.28
C SER C 132 2.30 -1.07 11.18
N TRP C 133 2.04 -0.90 12.48
CA TRP C 133 1.95 -2.00 13.43
C TRP C 133 0.88 -3.00 13.00
N HIS C 134 -0.27 -2.48 12.57
CA HIS C 134 -1.43 -3.20 12.06
C HIS C 134 -1.05 -4.09 10.88
N MET C 135 -0.33 -3.53 9.88
CA MET C 135 0.13 -4.31 8.74
C MET C 135 1.12 -5.37 9.16
N ARG C 136 2.04 -5.01 10.07
CA ARG C 136 3.05 -5.90 10.65
C ARG C 136 2.43 -7.12 11.33
N CYS C 137 1.38 -6.92 12.09
CA CYS C 137 0.69 -8.02 12.74
C CYS C 137 0.06 -8.98 11.76
N LYS C 138 -0.49 -8.43 10.69
CA LYS C 138 -1.12 -9.24 9.67
C LYS C 138 -0.12 -10.04 8.86
N ILE C 139 1.07 -9.50 8.71
CA ILE C 139 2.16 -10.19 8.03
C ILE C 139 2.66 -11.32 8.92
N ALA C 140 2.82 -11.04 10.20
CA ALA C 140 3.25 -12.04 11.17
C ALA C 140 2.31 -13.27 11.17
N GLN C 141 1.00 -13.03 11.11
CA GLN C 141 -0.06 -14.04 11.07
C GLN C 141 -0.05 -14.83 9.76
N GLY C 142 0.09 -14.16 8.63
CA GLY C 142 0.19 -14.79 7.32
C GLY C 142 1.49 -15.57 7.17
N ALA C 143 2.59 -15.09 7.76
CA ALA C 143 3.85 -15.87 7.77
C ALA C 143 3.72 -17.14 8.63
N ALA C 144 3.06 -17.02 9.78
CA ALA C 144 2.88 -18.11 10.73
C ALA C 144 2.17 -19.34 10.20
N ASN C 145 1.00 -19.16 9.57
CA ASN C 145 -0.07 -19.62 8.59
CA ASN C 145 -0.13 -19.72 8.67
C ASN C 145 0.52 -20.49 7.27
N GLY C 146 1.59 -20.01 6.58
CA GLY C 146 2.35 -20.78 5.65
C GLY C 146 3.39 -21.64 6.31
N ILE C 147 3.88 -21.28 7.49
CA ILE C 147 4.78 -22.20 8.19
C ILE C 147 3.96 -23.38 8.72
N ASN C 148 2.73 -23.10 9.21
CA ASN C 148 1.80 -24.11 9.70
C ASN C 148 1.39 -25.08 8.59
N PHE C 149 1.18 -24.59 7.38
CA PHE C 149 0.84 -25.41 6.22
C PHE C 149 2.00 -26.34 5.85
N LEU C 150 3.23 -25.87 5.97
CA LEU C 150 4.45 -26.64 5.68
C LEU C 150 4.68 -27.74 6.73
N HIS C 151 4.49 -27.40 8.02
CA HIS C 151 4.66 -28.35 9.11
C HIS C 151 3.56 -29.44 9.09
N GLU C 152 2.31 -29.06 8.72
CA GLU C 152 1.17 -29.98 8.55
C GLU C 152 1.41 -30.94 7.39
N ASN C 153 2.20 -30.51 6.39
CA ASN C 153 2.54 -31.26 5.20
C ASN C 153 3.89 -31.94 5.30
N HIS C 154 4.35 -32.11 6.55
CA HIS C 154 5.58 -32.80 6.97
C HIS C 154 6.81 -32.28 6.25
N HIS C 155 7.00 -30.93 6.31
CA HIS C 155 8.13 -30.21 5.72
C HIS C 155 8.76 -29.26 6.70
N ILE C 156 10.10 -29.25 6.71
CA ILE C 156 10.92 -28.34 7.50
C ILE C 156 11.51 -27.38 6.46
N HIS C 157 11.26 -26.06 6.63
CA HIS C 157 11.73 -25.03 5.69
C HIS C 157 13.24 -24.91 5.68
N ARG C 158 13.86 -24.80 6.89
CA ARG C 158 15.31 -24.69 7.18
C ARG C 158 15.93 -23.31 6.83
N ASP C 159 15.16 -22.34 6.30
CA ASP C 159 15.71 -21.03 5.97
C ASP C 159 14.67 -19.91 6.17
N ILE C 160 13.97 -19.95 7.31
CA ILE C 160 13.00 -18.93 7.68
C ILE C 160 13.79 -17.71 8.13
N LYS C 161 13.54 -16.61 7.45
CA LYS C 161 14.16 -15.29 7.65
C LYS C 161 13.31 -14.30 6.91
N SER C 162 13.40 -13.00 7.26
CA SER C 162 12.63 -11.91 6.63
C SER C 162 12.93 -11.66 5.13
N ALA C 163 14.10 -12.10 4.61
CA ALA C 163 14.42 -12.00 3.18
C ALA C 163 13.61 -13.08 2.43
N ASN C 164 13.14 -14.12 3.18
CA ASN C 164 12.36 -15.23 2.63
C ASN C 164 10.86 -15.11 2.93
N ILE C 165 10.44 -13.92 3.31
CA ILE C 165 9.04 -13.59 3.51
C ILE C 165 8.73 -12.50 2.50
N LEU C 166 7.99 -12.84 1.47
CA LEU C 166 7.64 -11.87 0.43
C LEU C 166 6.26 -11.34 0.60
N LEU C 167 6.04 -10.12 0.08
CA LEU C 167 4.77 -9.39 0.16
C LEU C 167 4.19 -9.13 -1.23
N ASP C 168 2.92 -9.50 -1.45
CA ASP C 168 2.25 -9.26 -2.72
C ASP C 168 1.67 -7.84 -2.73
N GLU C 169 0.86 -7.47 -3.76
CA GLU C 169 0.26 -6.13 -3.86
C GLU C 169 -0.64 -5.75 -2.67
N ALA C 170 -1.22 -6.73 -1.92
CA ALA C 170 -2.04 -6.50 -0.72
C ALA C 170 -1.25 -6.69 0.60
N PHE C 171 0.10 -6.87 0.51
CA PHE C 171 1.02 -7.15 1.65
C PHE C 171 0.65 -8.46 2.34
N THR C 172 0.22 -9.43 1.53
CA THR C 172 -0.09 -10.77 2.01
C THR C 172 1.27 -11.43 2.11
N ALA C 173 1.60 -11.98 3.29
CA ALA C 173 2.87 -12.66 3.52
C ALA C 173 2.94 -13.98 2.73
N LYS C 174 4.09 -14.23 2.08
CA LYS C 174 4.34 -15.43 1.29
C LYS C 174 5.73 -15.96 1.63
N ILE C 175 5.81 -17.18 2.23
CA ILE C 175 7.07 -17.86 2.54
C ILE C 175 7.65 -18.27 1.20
N SER C 176 8.93 -18.00 1.00
CA SER C 176 9.67 -18.31 -0.23
C SER C 176 10.90 -19.13 0.08
N ASP C 177 11.61 -19.52 -1.00
CA ASP C 177 12.90 -20.25 -1.01
C ASP C 177 12.85 -21.61 -0.30
N PHE C 178 12.41 -22.63 -1.04
CA PHE C 178 12.26 -24.00 -0.55
C PHE C 178 13.37 -24.94 -1.02
N GLY C 179 14.53 -24.37 -1.40
CA GLY C 179 15.70 -25.11 -1.84
C GLY C 179 16.34 -25.97 -0.77
N LEU C 180 16.24 -25.55 0.49
CA LEU C 180 16.79 -26.26 1.63
C LEU C 180 15.68 -26.98 2.43
N ALA C 181 14.44 -27.01 1.91
CA ALA C 181 13.32 -27.67 2.58
C ALA C 181 13.45 -29.19 2.54
N ARG C 182 13.12 -29.85 3.68
CA ARG C 182 13.21 -31.30 3.85
C ARG C 182 11.91 -31.91 4.37
N ALA C 183 11.61 -33.16 3.92
CA ALA C 183 10.43 -33.93 4.32
C ALA C 183 10.71 -34.83 5.53
N VAL C 191 16.87 -36.57 13.29
CA VAL C 191 17.51 -36.47 11.97
C VAL C 191 18.76 -35.56 12.06
N MET C 192 19.89 -36.02 11.46
CA MET C 192 21.17 -35.30 11.44
C MET C 192 21.74 -35.16 10.02
N TPO C 193 22.69 -34.20 9.83
CA TPO C 193 23.37 -33.92 8.57
CB TPO C 193 22.55 -32.98 7.60
CG2 TPO C 193 22.40 -31.49 8.07
OG1 TPO C 193 23.06 -33.00 6.25
P TPO C 193 22.45 -34.01 5.20
O1P TPO C 193 23.34 -35.25 5.12
O2P TPO C 193 22.51 -33.29 3.83
O3P TPO C 193 21.00 -34.46 5.51
C TPO C 193 24.81 -33.42 8.80
O TPO C 193 25.09 -32.75 9.80
N SEP C 194 25.71 -33.75 7.85
CA SEP C 194 27.12 -33.34 7.87
CB SEP C 194 28.01 -34.42 7.19
OG SEP C 194 27.69 -34.61 5.78
C SEP C 194 27.28 -31.98 7.18
O SEP C 194 28.24 -31.25 7.48
P SEP C 194 28.09 -35.99 5.19
O1P SEP C 194 29.61 -36.22 5.26
O2P SEP C 194 27.69 -35.99 3.70
O3P SEP C 194 27.33 -37.15 5.89
N ARG C 195 26.33 -31.64 6.28
CA ARG C 195 26.29 -30.38 5.52
C ARG C 195 25.26 -29.40 6.11
N ILE C 196 25.72 -28.59 7.08
CA ILE C 196 24.94 -27.58 7.80
C ILE C 196 24.73 -26.34 6.91
N VAL C 197 23.46 -26.06 6.58
CA VAL C 197 23.06 -24.94 5.72
C VAL C 197 21.89 -24.15 6.33
N GLY C 198 21.95 -22.84 6.16
CA GLY C 198 20.95 -21.90 6.64
C GLY C 198 21.55 -20.53 6.82
N THR C 199 20.81 -19.64 7.47
CA THR C 199 21.29 -18.27 7.74
C THR C 199 21.55 -18.18 9.23
N THR C 200 22.85 -18.12 9.55
CA THR C 200 23.49 -18.20 10.86
C THR C 200 22.81 -17.33 11.94
N ALA C 201 22.46 -16.05 11.61
CA ALA C 201 21.81 -15.08 12.50
C ALA C 201 20.36 -15.43 12.86
N TYR C 202 19.79 -16.44 12.20
CA TYR C 202 18.43 -16.89 12.40
C TYR C 202 18.37 -18.30 12.94
N MET C 203 19.51 -19.01 12.94
CA MET C 203 19.61 -20.43 13.27
C MET C 203 19.61 -20.77 14.75
N ALA C 204 18.88 -21.87 15.05
CA ALA C 204 18.74 -22.46 16.36
C ALA C 204 20.05 -23.16 16.72
N PRO C 205 20.48 -23.13 18.01
CA PRO C 205 21.74 -23.81 18.38
C PRO C 205 21.86 -25.25 17.85
N GLU C 206 20.78 -26.04 17.90
CA GLU C 206 20.80 -27.43 17.41
C GLU C 206 20.89 -27.52 15.89
N ALA C 207 20.30 -26.55 15.15
CA ALA C 207 20.35 -26.53 13.69
C ALA C 207 21.80 -26.25 13.26
N LEU C 208 22.49 -25.44 14.03
CA LEU C 208 23.88 -25.12 13.79
C LEU C 208 24.77 -26.34 14.02
N ARG C 209 24.20 -27.35 14.68
CA ARG C 209 24.94 -28.56 14.99
C ARG C 209 24.55 -29.69 14.06
N GLY C 210 23.60 -29.45 13.19
CA GLY C 210 23.23 -30.43 12.19
C GLY C 210 21.88 -31.09 12.36
N GLU C 211 21.20 -30.84 13.47
CA GLU C 211 19.87 -31.40 13.67
C GLU C 211 18.86 -30.79 12.68
N ILE C 212 18.01 -31.65 12.10
CA ILE C 212 16.97 -31.23 11.18
C ILE C 212 15.65 -31.44 11.90
N THR C 213 15.05 -30.33 12.37
CA THR C 213 13.80 -30.43 13.12
C THR C 213 12.85 -29.26 12.82
N PRO C 214 11.50 -29.47 12.78
CA PRO C 214 10.58 -28.34 12.58
C PRO C 214 10.64 -27.30 13.70
N LYS C 215 11.28 -27.64 14.85
CA LYS C 215 11.46 -26.78 16.01
C LYS C 215 12.48 -25.70 15.74
N SER C 216 13.41 -25.96 14.81
CA SER C 216 14.44 -25.01 14.43
C SER C 216 13.84 -23.81 13.68
N ASP C 217 12.74 -24.07 12.90
CA ASP C 217 11.94 -23.14 12.10
C ASP C 217 11.21 -22.16 13.01
N ILE C 218 10.71 -22.63 14.18
CA ILE C 218 10.03 -21.83 15.20
C ILE C 218 10.98 -20.77 15.74
N TYR C 219 12.21 -21.19 16.04
CA TYR C 219 13.30 -20.35 16.53
C TYR C 219 13.59 -19.22 15.50
N SER C 220 13.75 -19.58 14.21
CA SER C 220 14.00 -18.65 13.12
C SER C 220 12.88 -17.64 12.99
N PHE C 221 11.62 -18.12 13.16
CA PHE C 221 10.43 -17.28 13.15
C PHE C 221 10.42 -16.24 14.29
N GLY C 222 11.00 -16.61 15.43
CA GLY C 222 11.15 -15.74 16.60
C GLY C 222 12.09 -14.60 16.34
N VAL C 223 13.13 -14.82 15.52
CA VAL C 223 14.09 -13.79 15.08
C VAL C 223 13.37 -12.81 14.17
N VAL C 224 12.53 -13.34 13.29
CA VAL C 224 11.66 -12.63 12.36
C VAL C 224 10.64 -11.75 13.13
N LEU C 225 10.08 -12.23 14.25
CA LEU C 225 9.18 -11.44 15.04
C LEU C 225 9.88 -10.28 15.73
N LEU C 226 11.16 -10.45 16.07
CA LEU C 226 12.01 -9.40 16.66
C LEU C 226 12.34 -8.35 15.60
N GLU C 227 12.52 -8.77 14.35
CA GLU C 227 12.74 -7.87 13.21
C GLU C 227 11.49 -7.02 12.96
N ILE C 228 10.32 -7.64 13.05
CA ILE C 228 9.01 -7.00 12.90
C ILE C 228 8.77 -5.94 13.99
N ILE C 229 9.21 -6.20 15.25
CA ILE C 229 8.99 -5.27 16.37
C ILE C 229 9.99 -4.10 16.36
N THR C 230 11.23 -4.40 16.05
CA THR C 230 12.35 -3.48 16.13
C THR C 230 12.67 -2.76 14.84
N GLY C 231 12.35 -3.37 13.71
CA GLY C 231 12.69 -2.84 12.40
C GLY C 231 14.17 -2.90 12.11
N LEU C 232 14.92 -3.68 12.93
CA LEU C 232 16.37 -3.87 12.85
C LEU C 232 16.72 -5.17 12.15
N PRO C 233 17.79 -5.21 11.34
CA PRO C 233 18.23 -6.49 10.74
C PRO C 233 18.76 -7.50 11.78
N ALA C 234 18.66 -8.82 11.53
CA ALA C 234 19.10 -9.88 12.45
C ALA C 234 20.59 -9.80 12.83
N VAL C 235 21.39 -9.21 11.93
CA VAL C 235 22.82 -9.01 12.15
C VAL C 235 23.25 -7.67 11.56
N ASP C 236 24.05 -6.96 12.33
CA ASP C 236 24.66 -5.70 11.96
C ASP C 236 25.96 -5.63 12.74
N GLU C 237 27.08 -5.48 12.04
CA GLU C 237 28.39 -5.46 12.71
C GLU C 237 28.58 -4.14 13.41
N HIS C 238 28.02 -3.09 12.83
CA HIS C 238 28.15 -1.76 13.37
C HIS C 238 27.04 -1.49 14.37
N ARG C 239 26.87 -2.40 15.31
CA ARG C 239 25.80 -2.36 16.32
C ARG C 239 26.19 -3.02 17.65
N GLU C 240 25.41 -2.78 18.73
CA GLU C 240 25.59 -3.37 20.05
C GLU C 240 24.23 -3.72 20.70
N PRO C 241 23.82 -5.02 20.77
CA PRO C 241 24.53 -6.22 20.28
C PRO C 241 24.40 -6.41 18.76
N GLN C 242 25.40 -7.04 18.15
CA GLN C 242 25.45 -7.29 16.70
C GLN C 242 24.37 -8.25 16.22
N LEU C 243 23.96 -9.19 17.07
CA LEU C 243 22.91 -10.14 16.76
C LEU C 243 21.63 -9.74 17.48
N LEU C 244 20.54 -9.59 16.73
CA LEU C 244 19.23 -9.21 17.24
C LEU C 244 18.67 -10.14 18.32
N LEU C 245 18.90 -11.49 18.21
CA LEU C 245 18.41 -12.46 19.19
C LEU C 245 19.02 -12.26 20.61
N ASP C 246 20.18 -11.57 20.69
CA ASP C 246 20.86 -11.25 21.96
C ASP C 246 20.07 -10.22 22.82
N ILE C 247 19.17 -9.42 22.20
CA ILE C 247 18.31 -8.41 22.85
C ILE C 247 17.35 -9.11 23.83
N LYS C 248 17.05 -10.41 23.60
CA LYS C 248 16.19 -11.25 24.44
C LYS C 248 16.80 -11.34 25.86
N GLU C 249 18.14 -11.43 25.93
CA GLU C 249 18.94 -11.54 27.14
C GLU C 249 19.06 -10.19 27.82
N GLU C 250 19.17 -9.11 27.01
CA GLU C 250 19.26 -7.72 27.48
C GLU C 250 17.99 -7.29 28.21
N ILE C 251 16.82 -7.76 27.73
CA ILE C 251 15.50 -7.47 28.30
C ILE C 251 15.27 -8.32 29.57
N GLU C 252 15.66 -9.62 29.53
CA GLU C 252 15.56 -10.59 30.65
C GLU C 252 16.46 -10.20 31.84
N ASP C 253 17.66 -9.66 31.55
CA ASP C 253 18.63 -9.22 32.55
C ASP C 253 18.44 -7.73 32.93
N GLU C 254 17.29 -7.15 32.49
CA GLU C 254 16.79 -5.79 32.73
C GLU C 254 17.77 -4.65 32.37
N GLU C 255 18.69 -4.91 31.41
CA GLU C 255 19.67 -3.94 30.91
C GLU C 255 18.93 -2.92 30.02
N LYS C 256 17.92 -3.40 29.27
CA LYS C 256 17.07 -2.68 28.32
C LYS C 256 15.63 -3.17 28.44
N THR C 257 14.68 -2.39 27.89
CA THR C 257 13.26 -2.75 27.87
C THR C 257 12.82 -2.99 26.42
N ILE C 258 11.66 -3.58 26.22
CA ILE C 258 11.14 -3.77 24.87
C ILE C 258 10.85 -2.42 24.26
N GLU C 259 10.31 -1.52 25.07
CA GLU C 259 9.97 -0.19 24.62
C GLU C 259 11.19 0.52 24.07
N ASP C 260 12.36 0.19 24.59
CA ASP C 260 13.60 0.79 24.11
C ASP C 260 13.90 0.33 22.69
N TYR C 261 13.35 -0.81 22.32
CA TYR C 261 13.65 -1.50 21.08
C TYR C 261 12.55 -1.43 20.01
N ILE C 262 11.31 -1.01 20.35
CA ILE C 262 10.19 -0.86 19.38
C ILE C 262 10.63 0.06 18.23
N ASP C 263 10.27 -0.29 16.98
CA ASP C 263 10.55 0.49 15.79
C ASP C 263 9.87 1.88 15.89
N LYS C 264 10.71 2.93 15.94
CA LYS C 264 10.30 4.32 16.06
C LYS C 264 9.61 4.84 14.76
N LYS C 265 9.70 4.06 13.67
CA LYS C 265 9.07 4.35 12.39
C LYS C 265 7.60 3.90 12.35
N MET C 266 6.95 3.85 13.51
CA MET C 266 5.54 3.51 13.59
C MET C 266 4.82 4.49 14.47
N ASN C 267 3.52 4.66 14.22
CA ASN C 267 2.69 5.58 14.98
C ASN C 267 1.60 4.90 15.78
N ASP C 268 1.27 3.68 15.37
CA ASP C 268 0.09 2.99 15.87
C ASP C 268 0.42 1.77 16.68
N ALA C 269 1.64 1.66 17.16
CA ALA C 269 2.01 0.53 18.01
C ALA C 269 1.57 0.77 19.44
N ASP C 270 0.85 -0.19 20.01
CA ASP C 270 0.41 -0.10 21.39
C ASP C 270 1.22 -1.08 22.23
N SER C 271 1.53 -0.68 23.46
CA SER C 271 2.32 -1.46 24.41
C SER C 271 1.87 -2.90 24.55
N THR C 272 0.55 -3.12 24.73
CA THR C 272 -0.08 -4.42 24.94
C THR C 272 0.14 -5.40 23.78
N SER C 273 -0.19 -5.02 22.54
CA SER C 273 0.04 -5.95 21.42
C SER C 273 1.53 -6.11 21.09
N VAL C 274 2.32 -5.07 21.27
CA VAL C 274 3.74 -5.20 20.99
C VAL C 274 4.35 -6.15 22.02
N GLU C 275 3.91 -6.00 23.26
CA GLU C 275 4.38 -6.85 24.34
C GLU C 275 3.94 -8.28 24.14
N ALA C 276 2.81 -8.45 23.47
CA ALA C 276 2.26 -9.77 23.24
C ALA C 276 2.98 -10.50 22.10
N MET C 277 3.43 -9.75 21.11
CA MET C 277 4.23 -10.31 20.02
C MET C 277 5.65 -10.62 20.52
N TYR C 278 6.19 -9.79 21.43
CA TYR C 278 7.49 -10.03 22.05
C TYR C 278 7.48 -11.33 22.84
N SER C 279 6.38 -11.60 23.56
CA SER C 279 6.18 -12.81 24.35
C SER C 279 6.15 -14.06 23.43
N VAL C 280 5.57 -13.95 22.21
CA VAL C 280 5.56 -15.05 21.23
C VAL C 280 7.00 -15.27 20.78
N ALA C 281 7.72 -14.19 20.43
CA ALA C 281 9.12 -14.21 19.96
C ALA C 281 10.03 -14.83 21.02
N SER C 282 9.88 -14.40 22.28
CA SER C 282 10.63 -14.87 23.46
C SER C 282 10.46 -16.37 23.66
N GLN C 283 9.24 -16.89 23.52
CA GLN C 283 8.92 -18.33 23.62
C GLN C 283 9.55 -19.13 22.47
N CYS C 284 9.49 -18.60 21.24
CA CYS C 284 10.06 -19.17 20.01
C CYS C 284 11.57 -19.32 20.15
N LEU C 285 12.20 -18.38 20.86
CA LEU C 285 13.65 -18.26 21.01
C LEU C 285 14.26 -18.99 22.21
N HIS C 286 13.50 -19.86 22.86
CA HIS C 286 14.10 -20.70 23.88
C HIS C 286 15.17 -21.56 23.25
N GLU C 287 16.29 -21.71 23.94
CA GLU C 287 17.42 -22.42 23.36
C GLU C 287 17.23 -23.92 23.48
N LYS C 288 16.26 -24.32 24.29
CA LYS C 288 15.84 -25.71 24.40
C LYS C 288 14.71 -26.01 23.44
N LYS C 289 15.02 -26.75 22.38
CA LYS C 289 14.08 -27.00 21.29
C LYS C 289 12.71 -27.52 21.72
N ASN C 290 12.64 -28.31 22.80
CA ASN C 290 11.38 -28.90 23.29
C ASN C 290 10.56 -27.94 24.15
N LYS C 291 11.18 -26.86 24.63
CA LYS C 291 10.49 -25.87 25.46
C LYS C 291 9.81 -24.79 24.59
N ARG C 292 10.11 -24.78 23.27
CA ARG C 292 9.52 -23.88 22.27
C ARG C 292 8.08 -24.30 21.94
N PRO C 293 7.16 -23.35 21.61
CA PRO C 293 5.81 -23.76 21.20
C PRO C 293 5.82 -24.29 19.75
N ASP C 294 4.83 -25.12 19.38
CA ASP C 294 4.73 -25.59 18.00
C ASP C 294 4.04 -24.45 17.20
N ILE C 295 4.08 -24.51 15.86
CA ILE C 295 3.50 -23.47 15.00
C ILE C 295 1.99 -23.22 15.23
N LYS C 296 1.22 -24.28 15.57
CA LYS C 296 -0.22 -24.12 15.84
C LYS C 296 -0.46 -23.24 17.07
N LYS C 297 0.41 -23.35 18.08
CA LYS C 297 0.36 -22.53 19.29
C LYS C 297 0.80 -21.08 18.94
N VAL C 298 1.83 -20.94 18.08
CA VAL C 298 2.36 -19.65 17.60
C VAL C 298 1.23 -18.87 16.89
N GLN C 299 0.51 -19.56 15.98
CA GLN C 299 -0.66 -19.08 15.21
C GLN C 299 -1.77 -18.61 16.13
N GLN C 300 -2.12 -19.43 17.13
CA GLN C 300 -3.13 -19.20 18.16
C GLN C 300 -2.80 -17.94 18.96
N LEU C 301 -1.54 -17.81 19.43
CA LEU C 301 -1.05 -16.69 20.21
C LEU C 301 -1.06 -15.36 19.42
N LEU C 302 -0.68 -15.40 18.12
CA LEU C 302 -0.67 -14.22 17.26
C LEU C 302 -2.10 -13.76 16.93
N GLN C 303 -3.04 -14.72 16.89
CA GLN C 303 -4.47 -14.47 16.64
C GLN C 303 -5.07 -13.72 17.84
N GLU C 304 -4.70 -14.12 19.08
CA GLU C 304 -5.15 -13.56 20.35
C GLU C 304 -4.63 -12.14 20.58
N MET C 305 -3.49 -11.82 19.95
CA MET C 305 -2.82 -10.52 20.01
C MET C 305 -3.66 -9.43 19.33
N THR C 306 -4.39 -9.80 18.27
CA THR C 306 -5.23 -8.89 17.49
C THR C 306 -6.74 -9.03 17.81
N ALA C 307 -7.11 -9.84 18.82
CA ALA C 307 -8.51 -10.09 19.21
C ALA C 307 -9.02 -9.03 20.19
N ARG D 12 11.85 29.47 -11.75
CA ARG D 12 11.86 28.40 -10.73
C ARG D 12 11.68 26.97 -11.31
N PHE D 13 11.09 26.86 -12.52
CA PHE D 13 10.91 25.57 -13.19
C PHE D 13 11.88 25.41 -14.35
N HIS D 14 12.29 24.17 -14.62
CA HIS D 14 13.21 23.89 -15.71
C HIS D 14 12.56 24.04 -17.08
N SER D 15 13.22 24.81 -17.96
CA SER D 15 12.74 24.98 -19.32
C SER D 15 13.41 23.91 -20.21
N PHE D 16 12.60 22.98 -20.72
CA PHE D 16 13.04 21.91 -21.62
C PHE D 16 12.73 22.28 -23.05
N SER D 17 13.45 21.67 -24.02
CA SER D 17 13.19 21.81 -25.45
C SER D 17 12.28 20.63 -25.76
N PHE D 18 11.53 20.67 -26.87
CA PHE D 18 10.65 19.56 -27.24
C PHE D 18 11.44 18.26 -27.49
N TYR D 19 12.58 18.40 -28.19
CA TYR D 19 13.50 17.30 -28.50
C TYR D 19 14.11 16.67 -27.21
N GLU D 20 14.31 17.50 -26.17
CA GLU D 20 14.76 17.08 -24.84
C GLU D 20 13.72 16.14 -24.21
N LEU D 21 12.43 16.52 -24.25
CA LEU D 21 11.33 15.72 -23.70
C LEU D 21 11.07 14.44 -24.47
N LYS D 22 11.31 14.45 -25.80
CA LYS D 22 11.22 13.30 -26.65
C LYS D 22 12.20 12.23 -26.16
N ASN D 23 13.42 12.65 -25.82
CA ASN D 23 14.41 11.75 -25.29
C ASN D 23 14.07 11.25 -23.87
N VAL D 24 13.39 12.07 -23.04
CA VAL D 24 13.01 11.64 -21.68
C VAL D 24 11.82 10.65 -21.69
N THR D 25 11.01 10.64 -22.79
CA THR D 25 9.77 9.89 -22.91
C THR D 25 9.77 8.80 -23.96
N ASN D 26 10.97 8.44 -24.46
CA ASN D 26 11.17 7.39 -25.48
C ASN D 26 10.42 7.75 -26.76
N ASN D 27 10.62 9.01 -27.20
CA ASN D 27 10.02 9.64 -28.39
C ASN D 27 8.46 9.65 -28.35
N PHE D 28 7.91 10.03 -27.16
CA PHE D 28 6.48 10.06 -26.80
C PHE D 28 5.74 8.76 -27.17
N ASP D 29 6.35 7.62 -26.81
CA ASP D 29 5.87 6.25 -27.03
C ASP D 29 4.45 6.03 -26.46
N GLU D 30 3.42 6.12 -27.32
CA GLU D 30 1.98 5.98 -27.00
C GLU D 30 1.53 4.57 -26.53
N ARG D 31 2.47 3.61 -26.38
CA ARG D 31 2.16 2.27 -25.91
C ARG D 31 1.97 2.33 -24.40
N PRO D 32 1.09 1.48 -23.80
CA PRO D 32 0.92 1.54 -22.32
C PRO D 32 2.18 1.28 -21.52
N ILE D 33 2.28 1.84 -20.29
CA ILE D 33 3.40 1.61 -19.35
C ILE D 33 3.39 0.18 -18.80
N SER D 34 2.24 -0.53 -19.00
CA SER D 34 2.02 -1.92 -18.59
C SER D 34 2.77 -2.86 -19.54
N VAL D 35 2.79 -2.52 -20.86
CA VAL D 35 3.44 -3.27 -21.95
C VAL D 35 4.96 -2.96 -22.05
N GLY D 36 5.34 -1.72 -21.70
CA GLY D 36 6.72 -1.25 -21.75
C GLY D 36 6.88 0.12 -22.38
N GLY D 37 5.76 0.73 -22.73
CA GLY D 37 5.70 2.05 -23.34
C GLY D 37 5.78 3.18 -22.36
N ASN D 38 5.21 4.32 -22.75
CA ASN D 38 5.27 5.52 -21.93
C ASN D 38 3.89 6.14 -21.65
N LYS D 39 2.81 5.72 -22.37
CA LYS D 39 1.46 6.24 -22.11
C LYS D 39 0.89 5.71 -20.79
N MET D 40 0.65 6.59 -19.82
CA MET D 40 0.08 6.20 -18.52
C MET D 40 -1.46 6.36 -18.49
N GLY D 41 -1.94 7.24 -19.37
CA GLY D 41 -3.34 7.56 -19.50
C GLY D 41 -3.50 8.89 -20.18
N GLU D 42 -4.70 9.43 -20.14
CA GLU D 42 -5.06 10.68 -20.77
C GLU D 42 -6.20 11.40 -20.07
N GLY D 43 -6.17 12.71 -20.20
CA GLY D 43 -7.19 13.61 -19.71
C GLY D 43 -7.88 14.23 -20.91
N GLY D 44 -8.52 15.37 -20.68
CA GLY D 44 -9.21 16.12 -21.72
C GLY D 44 -8.26 16.84 -22.66
N PHE D 45 -7.23 17.49 -22.11
CA PHE D 45 -6.32 18.27 -22.93
C PHE D 45 -4.92 17.63 -23.11
N GLY D 46 -4.85 16.30 -23.18
CA GLY D 46 -3.59 15.64 -23.47
C GLY D 46 -3.32 14.25 -22.93
N VAL D 47 -2.30 13.63 -23.50
CA VAL D 47 -1.81 12.30 -23.15
C VAL D 47 -0.72 12.44 -22.06
N VAL D 48 -0.74 11.53 -21.07
CA VAL D 48 0.20 11.56 -19.97
C VAL D 48 1.22 10.48 -20.16
N TYR D 49 2.47 10.89 -20.27
CA TYR D 49 3.55 9.97 -20.52
C TYR D 49 4.47 9.90 -19.33
N LYS D 50 5.06 8.69 -19.11
CA LYS D 50 6.06 8.40 -18.10
C LYS D 50 7.40 8.86 -18.70
N GLY D 51 8.19 9.56 -17.89
CA GLY D 51 9.50 10.01 -18.30
C GLY D 51 10.53 9.74 -17.23
N TYR D 52 11.76 9.57 -17.66
CA TYR D 52 12.88 9.38 -16.76
C TYR D 52 13.88 10.49 -17.02
N VAL D 53 14.14 11.32 -16.03
CA VAL D 53 15.14 12.34 -16.15
C VAL D 53 16.13 12.06 -15.07
N ASN D 54 17.32 11.63 -15.44
CA ASN D 54 18.34 11.38 -14.44
C ASN D 54 17.95 10.06 -13.72
N ASN D 55 17.74 10.03 -12.38
CA ASN D 55 17.27 8.83 -11.70
C ASN D 55 15.83 9.07 -11.18
N THR D 56 15.24 10.18 -11.65
CA THR D 56 13.91 10.66 -11.29
C THR D 56 12.87 10.27 -12.33
N THR D 57 11.76 9.69 -11.86
CA THR D 57 10.62 9.38 -12.73
C THR D 57 9.75 10.62 -12.78
N VAL D 58 9.35 11.02 -14.00
CA VAL D 58 8.49 12.16 -14.19
C VAL D 58 7.23 11.76 -14.97
N ALA D 59 6.20 12.61 -14.87
CA ALA D 59 4.94 12.53 -15.60
C ALA D 59 5.06 13.67 -16.62
N VAL D 60 4.88 13.37 -17.87
CA VAL D 60 4.98 14.37 -18.94
C VAL D 60 3.65 14.47 -19.66
N LYS D 61 3.02 15.64 -19.63
CA LYS D 61 1.79 15.84 -20.36
C LYS D 61 2.12 16.51 -21.69
N LYS D 62 1.77 15.87 -22.81
CA LYS D 62 1.92 16.47 -24.13
C LYS D 62 0.50 17.00 -24.45
N LEU D 63 0.30 18.32 -24.47
CA LEU D 63 -1.00 18.97 -24.71
C LEU D 63 -1.57 18.78 -26.14
N ALA D 64 -2.91 18.55 -26.24
CA ALA D 64 -3.61 18.34 -27.51
C ALA D 64 -4.95 19.08 -27.52
N ILE D 69 -9.94 24.97 -27.82
CA ILE D 69 -9.85 23.91 -28.84
C ILE D 69 -8.74 24.24 -29.87
N THR D 70 -8.41 25.54 -30.06
CA THR D 70 -7.37 25.99 -31.01
C THR D 70 -6.00 26.14 -30.32
N THR D 71 -4.93 26.41 -31.12
CA THR D 71 -3.55 26.58 -30.65
C THR D 71 -3.39 27.81 -29.73
N GLU D 72 -4.15 28.89 -29.93
CA GLU D 72 -4.00 30.03 -29.00
C GLU D 72 -4.81 29.84 -27.72
N GLU D 73 -5.83 29.01 -27.82
CA GLU D 73 -6.71 28.75 -26.67
C GLU D 73 -6.07 27.74 -25.69
N LEU D 74 -5.30 26.77 -26.22
CA LEU D 74 -4.56 25.75 -25.45
C LEU D 74 -3.34 26.38 -24.75
N LYS D 75 -2.83 27.50 -25.29
CA LYS D 75 -1.69 28.24 -24.74
C LYS D 75 -2.06 28.86 -23.38
N GLN D 76 -3.31 29.36 -23.24
CA GLN D 76 -3.84 29.95 -22.00
C GLN D 76 -3.92 28.93 -20.86
N GLN D 77 -4.22 27.65 -21.19
CA GLN D 77 -4.30 26.48 -20.30
C GLN D 77 -2.89 26.16 -19.73
N PHE D 78 -1.91 26.02 -20.65
CA PHE D 78 -0.49 25.75 -20.41
C PHE D 78 0.06 26.82 -19.48
N ASP D 79 -0.12 28.11 -19.84
CA ASP D 79 0.33 29.28 -19.07
C ASP D 79 -0.31 29.33 -17.68
N GLN D 80 -1.57 28.93 -17.59
CA GLN D 80 -2.29 28.99 -16.34
C GLN D 80 -1.86 27.86 -15.41
N GLU D 81 -1.66 26.67 -15.96
CA GLU D 81 -1.10 25.59 -15.18
C GLU D 81 0.19 26.08 -14.53
N ILE D 82 1.07 26.69 -15.32
CA ILE D 82 2.33 27.20 -14.82
C ILE D 82 2.14 28.32 -13.81
N LYS D 83 1.37 29.31 -14.18
CA LYS D 83 1.08 30.45 -13.32
C LYS D 83 0.65 30.05 -11.92
N VAL D 84 -0.21 29.05 -11.82
CA VAL D 84 -0.75 28.62 -10.54
C VAL D 84 0.30 27.87 -9.74
N MET D 85 0.97 26.94 -10.38
CA MET D 85 1.95 26.12 -9.67
C MET D 85 3.19 26.88 -9.23
N ALA D 86 3.45 28.01 -9.83
CA ALA D 86 4.52 28.87 -9.38
C ALA D 86 4.09 29.54 -8.10
N LYS D 87 2.80 29.79 -7.98
CA LYS D 87 2.29 30.44 -6.80
C LYS D 87 1.97 29.43 -5.73
N CYS D 88 1.56 28.24 -6.11
CA CYS D 88 1.10 27.26 -5.12
C CYS D 88 1.91 25.97 -5.00
N GLN D 89 2.61 25.84 -3.88
CA GLN D 89 3.29 24.62 -3.53
C GLN D 89 2.79 24.18 -2.16
N HIS D 90 2.35 22.94 -2.07
CA HIS D 90 1.84 22.38 -0.84
C HIS D 90 2.03 20.88 -0.96
N GLU D 91 2.04 20.16 0.15
CA GLU D 91 2.21 18.69 0.11
C GLU D 91 1.03 17.95 -0.50
N ASN D 92 -0.14 18.58 -0.54
CA ASN D 92 -1.35 17.98 -1.09
C ASN D 92 -1.68 18.50 -2.48
N LEU D 93 -0.69 19.05 -3.18
CA LEU D 93 -0.80 19.53 -4.55
C LEU D 93 0.35 18.95 -5.30
N VAL D 94 0.12 18.48 -6.51
CA VAL D 94 1.16 17.94 -7.34
C VAL D 94 2.20 19.00 -7.68
N GLU D 95 3.41 18.55 -7.94
CA GLU D 95 4.50 19.47 -8.17
C GLU D 95 4.94 19.48 -9.61
N LEU D 96 5.04 20.67 -10.17
CA LEU D 96 5.50 20.85 -11.53
C LEU D 96 6.99 21.05 -11.56
N LEU D 97 7.66 20.32 -12.43
CA LEU D 97 9.11 20.30 -12.51
C LEU D 97 9.65 21.19 -13.65
N GLY D 98 8.90 21.22 -14.74
CA GLY D 98 9.25 22.01 -15.90
C GLY D 98 8.18 22.11 -16.96
N PHE D 99 8.56 22.60 -18.14
CA PHE D 99 7.68 22.84 -19.26
C PHE D 99 8.53 22.94 -20.54
N SER D 100 7.87 22.82 -21.70
CA SER D 100 8.46 22.95 -23.04
C SER D 100 7.49 23.81 -23.86
N SER D 101 7.97 24.95 -24.44
CA SER D 101 7.11 25.88 -25.21
C SER D 101 7.58 26.17 -26.66
N ASP D 102 8.71 25.58 -27.11
CA ASP D 102 9.26 25.79 -28.46
C ASP D 102 8.48 25.02 -29.54
N GLY D 103 7.89 25.80 -30.47
CA GLY D 103 7.10 25.31 -31.58
C GLY D 103 5.61 25.19 -31.30
N ASP D 104 4.90 24.35 -32.12
CA ASP D 104 3.47 24.09 -31.98
C ASP D 104 3.19 22.94 -30.98
N ASP D 105 4.24 22.54 -30.22
CA ASP D 105 4.17 21.52 -29.18
C ASP D 105 4.37 22.09 -27.77
N LEU D 106 3.33 21.96 -26.92
CA LEU D 106 3.33 22.46 -25.54
C LEU D 106 3.32 21.28 -24.58
N CYS D 107 4.33 21.20 -23.68
CA CYS D 107 4.49 20.10 -22.72
C CYS D 107 4.70 20.58 -21.29
N LEU D 108 4.22 19.77 -20.32
CA LEU D 108 4.31 20.02 -18.88
C LEU D 108 4.89 18.79 -18.18
N VAL D 109 5.88 19.02 -17.29
CA VAL D 109 6.62 17.96 -16.61
C VAL D 109 6.31 17.97 -15.12
N TYR D 110 5.87 16.83 -14.58
CA TYR D 110 5.45 16.74 -13.18
C TYR D 110 6.16 15.67 -12.44
N VAL D 111 6.17 15.81 -11.09
CA VAL D 111 6.63 14.78 -10.19
C VAL D 111 5.62 13.66 -10.41
N TYR D 112 6.08 12.49 -10.80
CA TYR D 112 5.31 11.26 -11.00
C TYR D 112 4.74 10.81 -9.69
N MET D 113 3.49 10.35 -9.69
CA MET D 113 2.76 9.83 -8.51
C MET D 113 2.64 8.32 -8.68
N PRO D 114 3.29 7.50 -7.83
CA PRO D 114 3.27 6.04 -8.06
C PRO D 114 1.95 5.31 -7.99
N ASN D 115 0.96 5.87 -7.28
CA ASN D 115 -0.33 5.22 -7.14
C ASN D 115 -1.43 5.84 -8.01
N GLY D 116 -1.05 6.60 -9.04
CA GLY D 116 -1.96 7.24 -9.98
C GLY D 116 -3.11 8.02 -9.36
N SER D 117 -4.32 7.95 -9.99
CA SER D 117 -5.51 8.64 -9.50
C SER D 117 -6.40 7.82 -8.56
N LEU D 118 -7.17 8.54 -7.74
CA LEU D 118 -8.18 8.02 -6.83
C LEU D 118 -9.25 7.30 -7.63
N LEU D 119 -9.54 7.80 -8.83
CA LEU D 119 -10.48 7.20 -9.75
C LEU D 119 -10.09 5.77 -10.07
N ASP D 120 -8.81 5.57 -10.50
CA ASP D 120 -8.26 4.26 -10.82
C ASP D 120 -8.12 3.36 -9.62
N ARG D 121 -7.80 3.92 -8.46
CA ARG D 121 -7.70 3.14 -7.24
C ARG D 121 -9.05 2.75 -6.67
N LEU D 122 -10.13 3.50 -6.97
CA LEU D 122 -11.46 3.12 -6.49
C LEU D 122 -12.06 2.03 -7.37
N SER D 123 -11.70 2.02 -8.68
CA SER D 123 -12.17 1.01 -9.63
C SER D 123 -11.31 -0.27 -9.65
N CYS D 124 -10.18 -0.24 -8.92
CA CYS D 124 -9.13 -1.25 -8.77
C CYS D 124 -8.47 -1.59 -10.10
N LEU D 125 -8.30 -0.57 -10.93
CA LEU D 125 -7.74 -0.69 -12.27
C LEU D 125 -6.32 -1.27 -12.22
N ASP D 126 -6.08 -2.29 -13.05
CA ASP D 126 -4.83 -3.05 -13.20
C ASP D 126 -4.58 -4.00 -11.99
N GLY D 127 -5.64 -4.28 -11.27
CA GLY D 127 -5.59 -5.22 -10.16
C GLY D 127 -5.09 -4.74 -8.83
N THR D 128 -5.06 -3.41 -8.61
CA THR D 128 -4.63 -2.86 -7.33
C THR D 128 -5.66 -3.21 -6.24
N PRO D 129 -5.30 -3.48 -4.98
CA PRO D 129 -6.35 -3.88 -4.02
C PRO D 129 -7.31 -2.73 -3.63
N PRO D 130 -8.55 -3.06 -3.19
CA PRO D 130 -9.48 -2.00 -2.76
C PRO D 130 -8.95 -1.16 -1.60
N LEU D 131 -9.12 0.18 -1.65
CA LEU D 131 -8.68 1.06 -0.56
C LEU D 131 -9.59 0.83 0.63
N SER D 132 -9.00 0.76 1.81
CA SER D 132 -9.77 0.55 3.03
C SER D 132 -10.48 1.84 3.40
N TRP D 133 -11.46 1.76 4.30
CA TRP D 133 -12.18 2.93 4.79
C TRP D 133 -11.23 3.94 5.44
N HIS D 134 -10.30 3.43 6.24
CA HIS D 134 -9.24 4.13 6.94
C HIS D 134 -8.39 4.94 5.96
N MET D 135 -7.93 4.31 4.87
CA MET D 135 -7.14 4.99 3.84
C MET D 135 -7.97 6.05 3.14
N ARG D 136 -9.25 5.74 2.84
CA ARG D 136 -10.19 6.65 2.17
C ARG D 136 -10.44 7.93 2.97
N CYS D 137 -10.54 7.81 4.29
CA CYS D 137 -10.71 8.96 5.15
C CYS D 137 -9.48 9.81 5.12
N LYS D 138 -8.33 9.18 5.06
CA LYS D 138 -7.08 9.89 5.04
C LYS D 138 -6.89 10.60 3.72
N ILE D 139 -7.43 10.04 2.65
CA ILE D 139 -7.36 10.64 1.33
C ILE D 139 -8.30 11.83 1.25
N ALA D 140 -9.49 11.68 1.81
CA ALA D 140 -10.49 12.73 1.88
C ALA D 140 -9.98 13.98 2.60
N GLN D 141 -9.28 13.80 3.71
CA GLN D 141 -8.66 14.83 4.55
C GLN D 141 -7.51 15.52 3.83
N GLY D 142 -6.68 14.72 3.19
CA GLY D 142 -5.57 15.19 2.37
C GLY D 142 -6.06 15.98 1.18
N ALA D 143 -7.13 15.55 0.54
CA ALA D 143 -7.73 16.29 -0.60
C ALA D 143 -8.35 17.62 -0.16
N ALA D 144 -9.05 17.63 0.97
CA ALA D 144 -9.59 18.86 1.55
C ALA D 144 -8.51 19.85 1.93
N ASN D 145 -7.40 19.35 2.44
CA ASN D 145 -6.29 20.17 2.83
C ASN D 145 -5.65 20.89 1.66
N GLY D 146 -5.68 20.28 0.49
CA GLY D 146 -5.09 20.87 -0.67
C GLY D 146 -6.01 21.89 -1.30
N ILE D 147 -7.31 21.65 -1.18
CA ILE D 147 -8.32 22.58 -1.66
C ILE D 147 -8.33 23.83 -0.75
N ASN D 148 -8.12 23.62 0.56
CA ASN D 148 -8.04 24.69 1.55
C ASN D 148 -6.85 25.59 1.29
N PHE D 149 -5.71 25.03 0.90
CA PHE D 149 -4.51 25.78 0.56
C PHE D 149 -4.78 26.66 -0.66
N LEU D 150 -5.48 26.12 -1.66
CA LEU D 150 -5.80 26.83 -2.90
C LEU D 150 -6.77 27.98 -2.65
N HIS D 151 -7.81 27.74 -1.83
CA HIS D 151 -8.80 28.76 -1.47
C HIS D 151 -8.17 29.87 -0.62
N GLU D 152 -7.24 29.52 0.29
CA GLU D 152 -6.49 30.48 1.13
C GLU D 152 -5.57 31.35 0.28
N ASN D 153 -5.14 30.82 -0.88
CA ASN D 153 -4.25 31.49 -1.82
C ASN D 153 -5.00 32.11 -2.98
N HIS D 154 -6.32 32.35 -2.75
CA HIS D 154 -7.29 33.00 -3.64
C HIS D 154 -7.30 32.38 -5.02
N HIS D 155 -7.49 31.04 -5.07
CA HIS D 155 -7.60 30.25 -6.30
C HIS D 155 -8.81 29.35 -6.28
N ILE D 156 -9.51 29.28 -7.42
CA ILE D 156 -10.65 28.41 -7.67
C ILE D 156 -10.10 27.36 -8.64
N HIS D 157 -10.15 26.06 -8.25
CA HIS D 157 -9.63 24.95 -9.05
C HIS D 157 -10.38 24.77 -10.38
N ARG D 158 -11.75 24.70 -10.30
CA ARG D 158 -12.71 24.55 -11.40
C ARG D 158 -12.77 23.13 -12.02
N ASP D 159 -11.95 22.19 -11.56
CA ASP D 159 -12.00 20.82 -12.11
C ASP D 159 -11.69 19.75 -11.03
N ILE D 160 -12.32 19.90 -9.87
CA ILE D 160 -12.18 18.95 -8.76
C ILE D 160 -13.00 17.72 -9.12
N LYS D 161 -12.34 16.59 -9.21
CA LYS D 161 -12.86 15.26 -9.55
C LYS D 161 -11.81 14.24 -9.13
N SER D 162 -12.20 12.97 -8.94
CA SER D 162 -11.30 11.90 -8.51
C SER D 162 -10.16 11.54 -9.50
N ALA D 163 -10.28 11.91 -10.81
CA ALA D 163 -9.21 11.71 -11.79
C ALA D 163 -8.13 12.79 -11.55
N ASN D 164 -8.51 13.89 -10.83
CA ASN D 164 -7.61 14.99 -10.50
C ASN D 164 -7.12 14.93 -9.06
N ILE D 165 -7.28 13.78 -8.42
CA ILE D 165 -6.75 13.53 -7.10
C ILE D 165 -5.76 12.41 -7.25
N LEU D 166 -4.49 12.73 -7.14
CA LEU D 166 -3.46 11.69 -7.31
C LEU D 166 -2.92 11.23 -6.00
N LEU D 167 -2.41 10.00 -6.00
CA LEU D 167 -1.86 9.33 -4.82
C LEU D 167 -0.39 9.00 -4.98
N ASP D 168 0.42 9.39 -3.99
CA ASP D 168 1.84 9.09 -4.00
C ASP D 168 2.07 7.76 -3.34
N GLU D 169 3.34 7.40 -3.12
CA GLU D 169 3.86 6.15 -2.52
C GLU D 169 3.17 5.76 -1.21
N ALA D 170 2.80 6.77 -0.38
CA ALA D 170 2.15 6.63 0.93
C ALA D 170 0.64 6.90 0.86
N PHE D 171 0.07 7.01 -0.36
CA PHE D 171 -1.35 7.33 -0.64
C PHE D 171 -1.71 8.71 -0.05
N THR D 172 -0.75 9.64 -0.14
CA THR D 172 -0.97 11.03 0.26
C THR D 172 -1.68 11.63 -0.94
N ALA D 173 -2.89 12.23 -0.68
CA ALA D 173 -3.70 12.85 -1.72
C ALA D 173 -3.03 14.09 -2.25
N LYS D 174 -3.05 14.27 -3.55
CA LYS D 174 -2.45 15.41 -4.25
C LYS D 174 -3.42 15.92 -5.31
N ILE D 175 -3.92 17.17 -5.15
CA ILE D 175 -4.80 17.82 -6.12
C ILE D 175 -3.91 18.11 -7.35
N SER D 176 -4.40 17.78 -8.53
CA SER D 176 -3.70 18.00 -9.80
C SER D 176 -4.57 18.78 -10.76
N ASP D 177 -4.00 19.09 -11.96
CA ASP D 177 -4.62 19.77 -13.09
C ASP D 177 -5.15 21.17 -12.78
N PHE D 178 -4.24 22.16 -12.85
CA PHE D 178 -4.53 23.56 -12.55
C PHE D 178 -4.65 24.43 -13.81
N GLY D 179 -4.91 23.78 -14.95
CA GLY D 179 -5.08 24.46 -16.24
C GLY D 179 -6.30 25.34 -16.33
N LEU D 180 -7.37 24.98 -15.57
CA LEU D 180 -8.63 25.72 -15.54
C LEU D 180 -8.74 26.53 -14.24
N ALA D 181 -7.66 26.59 -13.43
CA ALA D 181 -7.67 27.34 -12.17
C ALA D 181 -7.67 28.85 -12.38
N ARG D 182 -8.46 29.58 -11.58
CA ARG D 182 -8.60 31.04 -11.67
C ARG D 182 -8.35 31.74 -10.34
N ALA D 183 -7.77 32.96 -10.38
CA ALA D 183 -7.47 33.79 -9.21
C ALA D 183 -8.61 34.74 -8.88
N VAL D 191 -18.52 36.68 -10.41
CA VAL D 191 -17.70 36.49 -11.61
C VAL D 191 -18.42 35.56 -12.59
N MET D 192 -18.44 35.93 -13.89
CA MET D 192 -19.09 35.16 -14.97
C MET D 192 -18.13 34.90 -16.15
N TPO D 193 -18.49 33.91 -17.00
CA TPO D 193 -17.75 33.52 -18.21
CB TPO D 193 -16.53 32.54 -17.92
CG2 TPO D 193 -16.90 31.10 -17.47
OG1 TPO D 193 -15.61 32.47 -19.05
P TPO D 193 -14.39 33.44 -19.11
O1P TPO D 193 -13.90 33.98 -17.74
O2P TPO D 193 -13.25 32.66 -19.77
O3P TPO D 193 -14.74 34.65 -20.01
C TPO D 193 -18.69 32.96 -19.31
O TPO D 193 -19.71 32.34 -19.00
N SEP D 194 -18.33 33.20 -20.57
CA SEP D 194 -19.06 32.72 -21.76
CB SEP D 194 -18.90 33.71 -22.93
OG SEP D 194 -17.53 33.86 -23.38
C SEP D 194 -18.58 31.31 -22.15
O SEP D 194 -19.34 30.57 -22.79
P SEP D 194 -17.24 35.20 -24.13
O1P SEP D 194 -15.76 35.18 -24.53
O2P SEP D 194 -17.44 36.41 -23.19
O3P SEP D 194 -18.08 35.35 -25.41
N ARG D 195 -17.34 30.97 -21.78
CA ARG D 195 -16.68 29.68 -22.04
C ARG D 195 -16.72 28.78 -20.78
N ILE D 196 -17.82 28.00 -20.66
CA ILE D 196 -18.08 27.08 -19.54
C ILE D 196 -17.25 25.81 -19.73
N VAL D 197 -16.32 25.57 -18.79
CA VAL D 197 -15.40 24.42 -18.79
C VAL D 197 -15.38 23.71 -17.43
N GLY D 198 -15.27 22.38 -17.49
CA GLY D 198 -15.20 21.50 -16.33
C GLY D 198 -15.71 20.12 -16.68
N THR D 199 -15.93 19.30 -15.66
CA THR D 199 -16.45 17.94 -15.83
C THR D 199 -17.86 17.93 -15.31
N THR D 200 -18.80 17.85 -16.27
CA THR D 200 -20.25 17.99 -16.17
C THR D 200 -20.88 17.21 -14.98
N ALA D 201 -20.48 15.93 -14.75
CA ALA D 201 -20.94 15.05 -13.68
C ALA D 201 -20.51 15.49 -12.28
N TYR D 202 -19.59 16.46 -12.19
CA TYR D 202 -19.06 16.98 -10.93
C TYR D 202 -19.43 18.43 -10.70
N MET D 203 -19.99 19.10 -11.74
CA MET D 203 -20.27 20.52 -11.76
C MET D 203 -21.54 20.95 -11.01
N ALA D 204 -21.40 22.09 -10.31
CA ALA D 204 -22.43 22.77 -9.57
C ALA D 204 -23.39 23.43 -10.56
N PRO D 205 -24.71 23.46 -10.26
CA PRO D 205 -25.66 24.09 -11.20
C PRO D 205 -25.24 25.48 -11.67
N GLU D 206 -24.72 26.35 -10.76
CA GLU D 206 -24.27 27.69 -11.13
C GLU D 206 -22.98 27.69 -11.98
N ALA D 207 -22.08 26.71 -11.78
CA ALA D 207 -20.85 26.59 -12.57
C ALA D 207 -21.23 26.21 -14.02
N LEU D 208 -22.26 25.39 -14.14
CA LEU D 208 -22.82 24.99 -15.43
C LEU D 208 -23.43 26.20 -16.11
N ARG D 209 -23.69 27.23 -15.34
CA ARG D 209 -24.28 28.44 -15.85
C ARG D 209 -23.25 29.52 -16.16
N GLY D 210 -22.02 29.32 -15.73
CA GLY D 210 -20.96 30.25 -16.04
C GLY D 210 -20.36 30.99 -14.85
N GLU D 211 -20.97 30.83 -13.69
CA GLU D 211 -20.46 31.46 -12.47
C GLU D 211 -19.12 30.84 -12.06
N ILE D 212 -18.15 31.68 -11.68
CA ILE D 212 -16.84 31.23 -11.23
C ILE D 212 -16.79 31.55 -9.74
N THR D 213 -16.88 30.50 -8.91
CA THR D 213 -16.89 30.71 -7.47
C THR D 213 -16.17 29.58 -6.72
N PRO D 214 -15.47 29.85 -5.59
CA PRO D 214 -14.85 28.76 -4.82
C PRO D 214 -15.87 27.77 -4.24
N LYS D 215 -17.17 28.16 -4.24
CA LYS D 215 -18.29 27.36 -3.74
C LYS D 215 -18.62 26.22 -4.70
N SER D 216 -18.29 26.39 -5.97
CA SER D 216 -18.51 25.38 -7.00
C SER D 216 -17.58 24.17 -6.79
N ASP D 217 -16.36 24.43 -6.26
CA ASP D 217 -15.30 23.49 -5.92
C ASP D 217 -15.73 22.58 -4.77
N ILE D 218 -16.44 23.13 -3.78
CA ILE D 218 -17.02 22.43 -2.62
C ILE D 218 -18.00 21.38 -3.09
N TYR D 219 -18.88 21.77 -4.03
CA TYR D 219 -19.88 20.92 -4.66
C TYR D 219 -19.19 19.72 -5.34
N SER D 220 -18.16 19.99 -6.16
CA SER D 220 -17.37 18.98 -6.88
C SER D 220 -16.72 18.02 -5.91
N PHE D 221 -16.23 18.55 -4.77
CA PHE D 221 -15.64 17.77 -3.69
C PHE D 221 -16.65 16.81 -3.03
N GLY D 222 -17.93 17.23 -2.97
CA GLY D 222 -19.03 16.45 -2.45
C GLY D 222 -19.33 15.24 -3.32
N VAL D 223 -19.15 15.37 -4.66
CA VAL D 223 -19.29 14.28 -5.64
C VAL D 223 -18.17 13.26 -5.41
N VAL D 224 -16.97 13.77 -5.15
CA VAL D 224 -15.74 13.04 -4.82
C VAL D 224 -15.93 12.26 -3.51
N LEU D 225 -16.58 12.84 -2.49
CA LEU D 225 -16.85 12.12 -1.25
C LEU D 225 -17.82 11.00 -1.43
N LEU D 226 -18.77 11.14 -2.38
CA LEU D 226 -19.76 10.09 -2.73
C LEU D 226 -19.04 8.96 -3.47
N GLU D 227 -18.04 9.29 -4.30
CA GLU D 227 -17.20 8.31 -5.01
C GLU D 227 -16.39 7.49 -4.00
N ILE D 228 -15.85 8.16 -2.96
CA ILE D 228 -15.09 7.57 -1.89
C ILE D 228 -15.95 6.59 -1.04
N ILE D 229 -17.25 6.91 -0.81
CA ILE D 229 -18.16 6.06 -0.01
C ILE D 229 -18.68 4.87 -0.77
N THR D 230 -19.04 5.11 -2.03
CA THR D 230 -19.70 4.14 -2.88
C THR D 230 -18.77 3.32 -3.75
N GLY D 231 -17.61 3.87 -4.08
CA GLY D 231 -16.64 3.25 -4.99
C GLY D 231 -17.13 3.24 -6.43
N LEU D 232 -18.22 4.02 -6.71
CA LEU D 232 -18.87 4.13 -8.02
C LEU D 232 -18.40 5.36 -8.77
N PRO D 233 -18.25 5.28 -10.11
CA PRO D 233 -17.89 6.51 -10.88
C PRO D 233 -19.02 7.56 -10.87
N ALA D 234 -18.70 8.86 -11.01
CA ALA D 234 -19.67 9.97 -11.01
C ALA D 234 -20.74 9.85 -12.10
N VAL D 235 -20.40 9.16 -13.19
CA VAL D 235 -21.30 8.93 -14.30
C VAL D 235 -21.05 7.53 -14.88
N ASP D 236 -22.14 6.81 -15.09
CA ASP D 236 -22.12 5.50 -15.69
C ASP D 236 -23.43 5.40 -16.42
N GLU D 237 -23.38 5.33 -17.74
CA GLU D 237 -24.62 5.32 -18.51
C GLU D 237 -25.35 4.00 -18.37
N HIS D 238 -24.62 2.94 -18.09
CA HIS D 238 -25.23 1.65 -17.83
C HIS D 238 -25.52 1.51 -16.35
N ARG D 239 -26.34 2.42 -15.84
CA ARG D 239 -26.67 2.49 -14.40
C ARG D 239 -27.99 3.22 -14.11
N GLU D 240 -28.53 3.08 -12.88
CA GLU D 240 -29.75 3.74 -12.43
C GLU D 240 -29.61 4.18 -10.95
N PRO D 241 -29.42 5.48 -10.63
CA PRO D 241 -29.28 6.64 -11.56
C PRO D 241 -27.90 6.72 -12.20
N GLN D 242 -27.84 7.29 -13.42
CA GLN D 242 -26.61 7.44 -14.20
C GLN D 242 -25.62 8.40 -13.56
N LEU D 243 -26.12 9.41 -12.84
CA LEU D 243 -25.28 10.37 -12.15
C LEU D 243 -25.29 10.07 -10.66
N LEU D 244 -24.08 9.92 -10.09
CA LEU D 244 -23.89 9.63 -8.68
C LEU D 244 -24.52 10.64 -7.71
N LEU D 245 -24.50 11.97 -8.06
CA LEU D 245 -25.06 13.01 -7.19
C LEU D 245 -26.60 12.87 -7.00
N ASP D 246 -27.28 12.14 -7.92
CA ASP D 246 -28.71 11.86 -7.85
C ASP D 246 -29.10 10.94 -6.68
N ILE D 247 -28.14 10.14 -6.17
CA ILE D 247 -28.35 9.23 -5.04
C ILE D 247 -28.66 10.01 -3.74
N LYS D 248 -28.27 11.30 -3.70
CA LYS D 248 -28.52 12.22 -2.59
C LYS D 248 -30.05 12.38 -2.41
N GLU D 249 -30.77 12.41 -3.55
CA GLU D 249 -32.22 12.56 -3.63
C GLU D 249 -32.94 11.26 -3.30
N GLU D 250 -32.41 10.11 -3.74
CA GLU D 250 -32.99 8.80 -3.41
C GLU D 250 -32.90 8.54 -1.90
N ILE D 251 -31.81 8.94 -1.24
CA ILE D 251 -31.63 8.75 0.21
C ILE D 251 -32.58 9.70 1.00
N GLU D 252 -32.70 10.98 0.54
CA GLU D 252 -33.57 12.02 1.12
C GLU D 252 -35.07 11.69 0.96
N ASP D 253 -35.45 11.08 -0.18
CA ASP D 253 -36.82 10.67 -0.48
C ASP D 253 -37.11 9.22 -0.02
N GLU D 254 -36.18 8.66 0.79
CA GLU D 254 -36.18 7.34 1.43
C GLU D 254 -36.42 6.15 0.47
N GLU D 255 -36.05 6.31 -0.82
CA GLU D 255 -36.15 5.27 -1.85
C GLU D 255 -35.04 4.23 -1.62
N LYS D 256 -33.87 4.69 -1.15
CA LYS D 256 -32.66 3.92 -0.84
C LYS D 256 -32.02 4.45 0.45
N THR D 257 -31.08 3.69 1.02
CA THR D 257 -30.34 4.10 2.23
C THR D 257 -28.86 4.25 1.86
N ILE D 258 -28.05 4.90 2.75
CA ILE D 258 -26.62 5.03 2.47
C ILE D 258 -25.95 3.66 2.57
N GLU D 259 -26.49 2.77 3.45
CA GLU D 259 -26.03 1.40 3.65
C GLU D 259 -26.13 0.58 2.36
N ASP D 260 -27.16 0.87 1.53
CA ASP D 260 -27.36 0.21 0.25
C ASP D 260 -26.28 0.66 -0.76
N TYR D 261 -25.66 1.84 -0.52
CA TYR D 261 -24.72 2.43 -1.44
C TYR D 261 -23.24 2.36 -1.01
N ILE D 262 -22.93 1.98 0.26
CA ILE D 262 -21.54 1.81 0.75
C ILE D 262 -20.80 0.81 -0.13
N ASP D 263 -19.53 1.10 -0.45
CA ASP D 263 -18.67 0.24 -1.24
C ASP D 263 -18.48 -1.13 -0.52
N LYS D 264 -18.98 -2.19 -1.15
CA LYS D 264 -18.92 -3.56 -0.66
C LYS D 264 -17.49 -4.13 -0.67
N LYS D 265 -16.56 -3.42 -1.35
CA LYS D 265 -15.16 -3.79 -1.42
C LYS D 265 -14.35 -3.29 -0.20
N MET D 266 -14.99 -3.15 0.97
CA MET D 266 -14.36 -2.74 2.22
C MET D 266 -14.84 -3.68 3.32
N ASN D 267 -14.02 -3.90 4.37
CA ASN D 267 -14.37 -4.74 5.54
C ASN D 267 -14.28 -3.97 6.84
N ASP D 268 -13.76 -2.72 6.76
CA ASP D 268 -13.48 -1.86 7.90
C ASP D 268 -14.32 -0.57 7.98
N ALA D 269 -15.39 -0.46 7.19
CA ALA D 269 -16.26 0.70 7.20
C ALA D 269 -17.30 0.57 8.31
N ASP D 270 -17.37 1.59 9.18
CA ASP D 270 -18.34 1.60 10.26
C ASP D 270 -19.44 2.59 9.91
N SER D 271 -20.68 2.26 10.30
CA SER D 271 -21.87 3.07 10.03
C SER D 271 -21.71 4.53 10.39
N THR D 272 -21.20 4.81 11.60
CA THR D 272 -21.01 6.15 12.16
C THR D 272 -20.10 7.03 11.32
N SER D 273 -18.87 6.60 11.00
CA SER D 273 -17.98 7.45 10.19
C SER D 273 -18.43 7.51 8.72
N VAL D 274 -19.13 6.49 8.20
CA VAL D 274 -19.67 6.49 6.84
C VAL D 274 -20.82 7.51 6.74
N GLU D 275 -21.69 7.54 7.77
CA GLU D 275 -22.79 8.48 7.86
C GLU D 275 -22.26 9.92 8.01
N ALA D 276 -21.18 10.09 8.78
CA ALA D 276 -20.49 11.35 9.01
C ALA D 276 -19.86 11.91 7.72
N MET D 277 -19.24 11.07 6.87
CA MET D 277 -18.69 11.52 5.58
C MET D 277 -19.82 11.81 4.60
N TYR D 278 -20.91 11.03 4.64
CA TYR D 278 -22.08 11.26 3.81
C TYR D 278 -22.73 12.61 4.14
N SER D 279 -22.78 12.96 5.42
CA SER D 279 -23.32 14.23 5.91
C SER D 279 -22.45 15.41 5.40
N VAL D 280 -21.12 15.26 5.30
CA VAL D 280 -20.23 16.29 4.73
C VAL D 280 -20.56 16.42 3.24
N ALA D 281 -20.65 15.28 2.51
CA ALA D 281 -20.95 15.22 1.08
C ALA D 281 -22.30 15.87 0.79
N SER D 282 -23.33 15.53 1.58
CA SER D 282 -24.71 16.04 1.49
C SER D 282 -24.74 17.56 1.62
N GLN D 283 -23.98 18.12 2.58
CA GLN D 283 -23.86 19.57 2.80
C GLN D 283 -23.17 20.27 1.63
N CYS D 284 -22.09 19.66 1.10
CA CYS D 284 -21.30 20.12 -0.04
C CYS D 284 -22.18 20.20 -1.29
N LEU D 285 -23.15 19.30 -1.41
CA LEU D 285 -24.03 19.13 -2.58
C LEU D 285 -25.35 19.91 -2.54
N HIS D 286 -25.46 20.90 -1.64
CA HIS D 286 -26.62 21.79 -1.60
C HIS D 286 -26.73 22.50 -2.94
N GLU D 287 -27.94 22.68 -3.45
CA GLU D 287 -28.09 23.29 -4.75
C GLU D 287 -27.90 24.79 -4.67
N LYS D 288 -28.01 25.34 -3.47
CA LYS D 288 -27.78 26.76 -3.27
C LYS D 288 -26.38 27.02 -2.74
N LYS D 289 -25.55 27.62 -3.58
CA LYS D 289 -24.14 27.82 -3.29
C LYS D 289 -23.82 28.45 -1.95
N ASN D 290 -24.69 29.30 -1.45
CA ASN D 290 -24.45 29.97 -0.16
C ASN D 290 -24.81 29.12 1.05
N LYS D 291 -25.57 28.05 0.84
CA LYS D 291 -25.95 27.15 1.92
C LYS D 291 -24.91 26.03 2.13
N ARG D 292 -23.92 25.95 1.21
CA ARG D 292 -22.80 24.99 1.26
C ARG D 292 -21.78 25.43 2.31
N PRO D 293 -21.06 24.50 2.98
CA PRO D 293 -19.99 24.93 3.90
C PRO D 293 -18.74 25.37 3.11
N ASP D 294 -17.88 26.20 3.72
CA ASP D 294 -16.62 26.58 3.07
C ASP D 294 -15.63 25.44 3.35
N ILE D 295 -14.49 25.39 2.64
CA ILE D 295 -13.50 24.32 2.78
C ILE D 295 -12.94 24.16 4.22
N LYS D 296 -12.81 25.26 4.98
CA LYS D 296 -12.31 25.19 6.37
C LYS D 296 -13.27 24.40 7.25
N LYS D 297 -14.58 24.55 7.02
CA LYS D 297 -15.64 23.81 7.71
C LYS D 297 -15.62 22.33 7.26
N VAL D 298 -15.39 22.08 5.95
CA VAL D 298 -15.30 20.76 5.35
C VAL D 298 -14.14 19.97 6.01
N GLN D 299 -12.96 20.63 6.13
CA GLN D 299 -11.73 20.13 6.77
C GLN D 299 -11.99 19.78 8.23
N GLN D 300 -12.65 20.67 8.97
CA GLN D 300 -13.02 20.56 10.38
C GLN D 300 -13.95 19.35 10.60
N LEU D 301 -14.99 19.22 9.74
CA LEU D 301 -15.96 18.12 9.79
C LEU D 301 -15.33 16.75 9.50
N LEU D 302 -14.40 16.68 8.53
CA LEU D 302 -13.70 15.44 8.17
C LEU D 302 -12.72 15.02 9.26
N GLN D 303 -12.11 15.98 9.99
CA GLN D 303 -11.21 15.62 11.10
C GLN D 303 -12.01 15.14 12.32
N GLU D 304 -13.25 15.63 12.53
CA GLU D 304 -14.14 15.21 13.62
C GLU D 304 -14.65 13.77 13.40
N MET D 305 -14.73 13.35 12.12
CA MET D 305 -15.16 12.03 11.67
C MET D 305 -14.18 10.93 12.15
N THR D 306 -12.87 11.26 12.21
CA THR D 306 -11.80 10.35 12.60
C THR D 306 -11.31 10.64 14.03
C1 NBW E . -17.86 -24.37 2.85
C2 NBW E . -18.89 -25.12 2.34
C3 NBW E . -17.13 -17.85 3.58
C7 NBW E . -16.05 -18.72 3.79
C8 NBW E . -20.04 -24.47 1.93
C9 NBW E . -19.19 -21.09 2.49
C10 NBW E . -17.11 -20.90 3.39
C11 NBW E . -21.13 -25.25 1.35
C12 NBW E . -21.72 -18.48 1.86
C13 NBW E . -20.72 -18.21 2.95
C14 NBW E . -14.22 -14.84 5.12
C15 NBW E . -13.67 -15.27 2.68
C16 NBW E . -14.01 -13.37 4.85
C19 NBW E . -20.34 -19.10 1.78
C20 NBW E . -19.42 -18.58 0.71
C21 NBW E . -13.06 -11.73 3.47
C22 NBW E . -23.49 -25.55 0.78
N25 NBW E . -20.17 -23.15 1.95
N26 NBW E . -16.96 -22.24 3.39
N29 NBW E . -13.00 -13.15 3.79
C4 NBW E . -14.94 -17.93 3.95
C5 NBW E . -17.96 -23.00 2.91
C6 NBW E . -19.14 -22.45 2.45
C17 NBW E . -13.29 -13.83 2.53
C18 NBW E . -14.69 -15.41 3.80
C23 NBW E . -23.00 -24.12 2.67
N24 NBW E . -16.73 -16.57 3.57
N27 NBW E . -18.21 -20.31 2.95
N28 NBW E . -15.42 -16.65 3.80
N30 NBW E . -16.08 -20.08 3.87
N31 NBW E . -22.47 -24.91 1.58
O32 NBW E . -20.76 -26.15 0.60
O33 NBW E . -20.37 -20.54 1.98
C1 NBW F . 7.64 25.30 15.29
C2 NBW F . 8.63 26.06 15.91
C3 NBW F . 6.21 18.76 15.56
C7 NBW F . 5.60 19.63 14.64
C8 NBW F . 9.49 25.41 16.75
C9 NBW F . 8.37 22.04 16.55
C10 NBW F . 6.57 21.85 15.19
C11 NBW F . 10.63 26.16 17.35
C12 NBW F . 9.94 19.47 18.70
C13 NBW F . 8.51 19.26 18.34
C14 NBW F . 3.49 15.62 14.04
C15 NBW F . 5.18 15.97 12.17
C16 NBW F . 3.59 14.13 13.81
C19 NBW F . 9.41 20.00 17.39
C20 NBW F . 9.89 19.32 16.15
C21 NBW F . 4.12 12.39 12.33
C22 NBW F . 12.23 26.59 19.13
N25 NBW F . 9.45 24.09 16.98
N26 NBW F . 6.57 23.17 14.94
N29 NBW F . 3.90 13.82 12.40
C4 NBW F . 4.93 18.79 13.76
C5 NBW F . 7.54 23.93 15.51
C6 NBW F . 8.47 23.39 16.39
C17 NBW F . 5.13 14.47 11.93
C18 NBW F . 4.80 16.26 13.60
C23 NBW F . 10.25 25.34 19.73
N24 NBW F . 5.97 17.48 15.29
N27 NBW F . 7.45 21.26 15.98
N28 NBW F . 5.20 17.52 14.19
N30 NBW F . 5.60 20.99 14.62
N31 NBW F . 11.02 25.95 18.68
O32 NBW F . 11.24 26.89 16.58
O33 NBW F . 9.32 21.46 17.35
C1 NBW G . 9.03 -13.71 -6.27
C2 NBW G . 9.57 -14.94 -5.94
C3 NBW G . 11.50 -7.57 -5.80
C7 NBW G . 10.14 -7.78 -6.08
C8 NBW G . 10.82 -14.95 -5.34
C9 NBW G . 11.64 -11.49 -5.23
C10 NBW G . 9.96 -10.23 -6.12
C11 NBW G . 11.41 -16.21 -4.84
C12 NBW G . 15.03 -10.53 -3.97
C13 NBW G . 14.38 -9.61 -4.95
C14 NBW G . 10.28 -3.44 -6.63
C15 NBW G . 9.41 -3.86 -4.38
C16 NBW G . 10.40 -1.96 -6.29
C19 NBW G . 13.51 -10.45 -4.04
C20 NBW G . 12.88 -9.89 -2.82
C21 NBW G . 9.69 -0.22 -4.86
C22 NBW G . 13.18 -17.63 -4.11
N25 NBW G . 11.50 -13.84 -5.11
N26 NBW G . 9.20 -11.31 -6.38
N29 NBW G . 9.42 -1.58 -5.26
C4 NBW G . 9.56 -6.55 -5.96
C5 NBW G . 9.71 -12.52 -6.04
C6 NBW G . 10.97 -12.67 -5.47
C17 NBW G . 9.58 -2.39 -4.06
C18 NBW G . 10.47 -4.26 -5.38
C23 NBW G . 13.65 -16.08 -5.96
N24 NBW G . 11.75 -6.29 -5.50
N27 NBW G . 11.16 -10.29 -5.54
N28 NBW G . 10.56 -5.69 -5.61
N30 NBW G . 9.52 -8.94 -6.44
N31 NBW G . 12.75 -16.51 -4.91
O32 NBW G . 10.68 -16.94 -4.20
O33 NBW G . 12.88 -11.62 -4.61
C1 NBW H . 1.63 12.90 -11.92
C2 NBW H . 1.15 14.15 -12.32
C3 NBW H . -0.17 6.66 -13.43
C7 NBW H . 0.71 6.97 -12.37
C8 NBW H . 0.04 14.19 -13.14
C9 NBW H . -0.62 10.73 -13.64
C10 NBW H . 0.86 9.44 -12.48
C11 NBW H . -0.57 15.49 -13.48
C12 NBW H . -3.36 9.89 -16.01
C13 NBW H . -2.23 8.91 -16.00
C14 NBW H . 1.17 2.57 -12.31
C15 NBW H . -0.64 3.16 -10.71
C16 NBW H . 0.72 1.11 -12.23
C19 NBW H . -2.55 9.69 -14.75
C20 NBW H . -3.19 8.98 -13.61
C21 NBW H . -0.71 -0.47 -11.22
C22 NBW H . -2.09 16.76 -14.84
N25 NBW H . -0.57 13.09 -13.59
N26 NBW H . 1.48 10.53 -11.99
N29 NBW H . -0.04 0.79 -11.00
C4 NBW H . 0.90 5.78 -11.70
C5 NBW H . 1.02 11.74 -12.36
C6 NBW H . -0.05 11.90 -13.23
C17 NBW H . -1.12 1.74 -10.73
C18 NBW H . -0.05 3.45 -12.07
C23 NBW H . -0.75 15.08 -15.93
N24 NBW H . -0.53 5.37 -13.41
N27 NBW H . -0.19 9.51 -13.29
N28 NBW H . 0.13 4.86 -12.36
N30 NBW H . 1.31 8.17 -12.09
N31 NBW H . -1.22 15.64 -14.70
O32 NBW H . -0.59 16.37 -12.62
O33 NBW H . -1.75 10.86 -14.44
#